data_3WIQ
#
_entry.id   3WIQ
#
_cell.length_a   192.506
_cell.length_b   192.506
_cell.length_c   202.221
_cell.angle_alpha   90.00
_cell.angle_beta   90.00
_cell.angle_gamma   90.00
#
_symmetry.space_group_name_H-M   'I 4 2 2'
#
loop_
_entity.id
_entity.type
_entity.pdbx_description
1 polymer 'Kojibiose phosphorylase'
2 branched alpha-D-glucopyranose-(1-2)-beta-D-glucopyranose
3 non-polymer 'SULFATE ION'
4 water water
#
_entity_poly.entity_id   1
_entity_poly.type   'polypeptide(L)'
_entity_poly.pdbx_seq_one_letter_code
;MKLSEREWLIEQDKLEASGKFETCFALTNGYIGIRGINEEVFCEETPGTYIAGVFDKSTAQVTELVNLPNPIGLRIYINR
EFLNPLKCEILEFKRVLDLKQGILYRKLRLKDVKGRITTIEGFRFVSMNNKNLIVQKYDVVCENYSAVLNVESFIDATTV
NSKDVPNDRVKHYEIDKKKDFADGIYLGITTKDKKYKVGIASSTKVLLNNQRCYFNRFTKDLGYIITENFEVEAKQGERY
EIEKLTVLVSSREKNVGDVFETCTNKLKEFETKSAEKLLFEHIEEYKRLWDVANIDIVGDEVANKSVKFNIFHLISMANP
EDEHVSLGAKGLHGEGYKGHVFWDTEIFMLPFYIYTNPAAAKAMLMYRYNLLDAARENARKNGYKGAQFPWESADTGEEE
TPKWGYDYLGNPVRIWTGDIEYHISADIAYAVMNYVRATDDIDFLLNYGSEIIIETARFWASICKYNKEKGRYEINDVIG
PDEFHEHCNNNAYTNYLAKWNLLKASELCNLLLEKYPKYFEKLSKKINLSDEEPFVWQEIASKIYIPYHPDKKLIEQFEG
YFNLKDFVIKEYDQNNMPVWPEGVELDKLNNYQLIKQADVVMLLYLLGEEFDDQTKKINYDYYEKRTMHKSSLSPSIYAL
MGVRVGETNRAYINFMRTALTDLEDNQGNTHLGIHAASLGGTWQALVFGFGGISIEKDDVLSVNPWLPEKWESLKFSIWW
KGNLLDFKITKDNVEVKKRVEKGNVKLKIKGQEAIIGSHHHHHH
;
_entity_poly.pdbx_strand_id   A
#
loop_
_chem_comp.id
_chem_comp.type
_chem_comp.name
_chem_comp.formula
BGC D-saccharide, beta linking beta-D-glucopyranose 'C6 H12 O6'
GLC D-saccharide, alpha linking alpha-D-glucopyranose 'C6 H12 O6'
SO4 non-polymer 'SULFATE ION' 'O4 S -2'
#
# COMPACT_ATOMS: atom_id res chain seq x y z
N MET A 1 15.42 -14.58 20.68
CA MET A 1 15.02 -13.31 20.01
C MET A 1 15.35 -12.13 20.88
N LYS A 2 16.13 -11.20 20.35
CA LYS A 2 16.38 -9.96 21.06
C LYS A 2 15.73 -8.86 20.29
N LEU A 3 14.99 -8.04 21.02
CA LEU A 3 14.41 -6.90 20.38
C LEU A 3 15.47 -5.98 19.80
N SER A 4 15.14 -5.33 18.70
CA SER A 4 16.02 -4.35 18.08
C SER A 4 16.06 -3.14 19.01
N GLU A 5 16.57 -2.01 18.52
CA GLU A 5 17.13 -1.07 19.44
C GLU A 5 16.25 0.04 19.92
N ARG A 6 15.32 0.55 19.15
CA ARG A 6 14.39 1.54 19.79
C ARG A 6 14.04 2.59 18.80
N GLU A 7 15.07 2.99 18.08
CA GLU A 7 14.88 3.82 16.91
C GLU A 7 14.07 2.95 15.96
N TRP A 8 14.20 1.64 16.14
CA TRP A 8 13.52 0.65 15.33
C TRP A 8 12.14 0.12 15.85
N LEU A 9 11.71 0.57 17.02
CA LEU A 9 10.49 0.10 17.66
C LEU A 9 9.32 1.07 17.65
N ILE A 10 8.12 0.58 17.35
CA ILE A 10 6.91 1.38 17.52
C ILE A 10 6.05 0.76 18.61
N GLU A 11 5.58 1.58 19.53
CA GLU A 11 5.13 1.07 20.81
C GLU A 11 3.70 1.51 21.01
N GLN A 12 2.86 0.57 21.45
CA GLN A 12 1.52 0.91 21.97
C GLN A 12 1.60 0.97 23.50
N ASP A 13 0.96 1.99 24.05
CA ASP A 13 1.07 2.33 25.48
C ASP A 13 0.16 1.53 26.40
N LYS A 14 -1.14 1.56 26.08
CA LYS A 14 -2.16 0.90 26.88
C LYS A 14 -2.49 -0.45 26.25
N LEU A 15 -2.77 -1.45 27.09
CA LEU A 15 -3.34 -2.69 26.61
C LEU A 15 -4.85 -2.51 26.35
N GLU A 16 -5.25 -2.51 25.07
CA GLU A 16 -6.64 -2.37 24.66
C GLU A 16 -6.85 -2.74 23.19
N ALA A 17 -8.07 -3.10 22.83
CA ALA A 17 -8.50 -3.05 21.44
C ALA A 17 -8.20 -1.68 20.89
N SER A 18 -7.68 -1.61 19.66
CA SER A 18 -7.33 -0.37 18.97
C SER A 18 -7.37 -0.54 17.45
N GLY A 19 -8.36 0.07 16.84
CA GLY A 19 -8.44 0.17 15.37
C GLY A 19 -7.15 0.69 14.74
N LYS A 20 -6.44 1.56 15.43
CA LYS A 20 -5.31 2.23 14.83
C LYS A 20 -4.14 1.26 14.83
N PHE A 21 -3.95 0.60 15.93
CA PHE A 21 -2.86 -0.33 16.01
C PHE A 21 -3.14 -1.65 15.33
N GLU A 22 -4.41 -1.97 15.13
CA GLU A 22 -4.76 -3.08 14.29
C GLU A 22 -4.11 -2.80 12.90
N THR A 23 -4.32 -1.60 12.41
CA THR A 23 -3.63 -1.15 11.22
C THR A 23 -2.12 -1.04 11.37
N CYS A 24 -1.62 -0.32 12.37
CA CYS A 24 -0.20 0.00 12.36
C CYS A 24 0.64 -1.20 12.65
N PHE A 25 0.00 -2.22 13.21
CA PHE A 25 0.69 -3.40 13.65
C PHE A 25 0.32 -4.56 12.75
N ALA A 26 -0.48 -4.29 11.73
CA ALA A 26 -0.65 -5.28 10.65
C ALA A 26 0.67 -5.80 10.14
N LEU A 27 0.82 -7.11 10.01
CA LEU A 27 1.95 -7.75 9.38
C LEU A 27 1.59 -8.44 8.07
N THR A 28 2.46 -8.31 7.11
CA THR A 28 2.24 -8.88 5.83
C THR A 28 3.53 -9.22 5.20
N ASN A 29 3.44 -10.13 4.24
CA ASN A 29 4.55 -10.62 3.47
C ASN A 29 4.23 -10.52 2.03
N GLY A 30 3.17 -9.83 1.64
CA GLY A 30 2.89 -9.60 0.23
C GLY A 30 1.86 -10.58 -0.33
N TYR A 31 1.67 -11.68 0.37
CA TYR A 31 0.66 -12.69 0.02
C TYR A 31 -0.38 -12.71 1.14
N ILE A 32 0.08 -13.00 2.34
CA ILE A 32 -0.77 -12.93 3.51
C ILE A 32 -0.69 -11.57 4.21
N GLY A 33 -1.80 -11.06 4.70
CA GLY A 33 -1.83 -9.95 5.64
C GLY A 33 -2.63 -10.32 6.88
N ILE A 34 -2.16 -9.90 8.06
CA ILE A 34 -2.84 -10.17 9.33
C ILE A 34 -2.95 -8.87 10.10
N ARG A 35 -4.17 -8.38 10.35
CA ARG A 35 -4.35 -7.22 11.22
C ARG A 35 -3.80 -7.39 12.59
N GLY A 36 -3.30 -6.27 13.12
CA GLY A 36 -2.58 -6.25 14.37
C GLY A 36 -3.34 -6.52 15.67
N ILE A 37 -4.34 -7.40 15.65
CA ILE A 37 -5.11 -7.70 16.89
C ILE A 37 -4.27 -8.38 17.98
N ASN A 38 -4.73 -8.36 19.23
CA ASN A 38 -4.07 -9.18 20.26
C ASN A 38 -4.41 -10.67 20.12
N GLU A 39 -3.58 -11.54 20.64
CA GLU A 39 -3.72 -12.98 20.38
C GLU A 39 -5.06 -13.58 20.85
N GLU A 40 -5.57 -13.03 21.94
CA GLU A 40 -6.74 -13.57 22.58
C GLU A 40 -8.01 -13.25 21.80
N VAL A 41 -7.90 -12.25 20.94
CA VAL A 41 -9.01 -11.78 20.15
C VAL A 41 -10.10 -11.28 21.09
N PHE A 42 -10.00 -10.02 21.51
CA PHE A 42 -10.95 -9.44 22.45
C PHE A 42 -12.22 -9.14 21.73
N CYS A 43 -13.31 -9.00 22.47
CA CYS A 43 -14.60 -8.85 21.84
C CYS A 43 -14.55 -7.80 20.77
N GLU A 44 -13.86 -6.70 21.09
CA GLU A 44 -14.03 -5.48 20.32
C GLU A 44 -13.04 -5.30 19.18
N GLU A 45 -12.04 -6.17 19.07
CA GLU A 45 -11.04 -6.05 18.04
C GLU A 45 -11.66 -6.36 16.69
N THR A 46 -11.04 -5.88 15.64
CA THR A 46 -11.48 -6.15 14.29
C THR A 46 -10.43 -6.96 13.51
N PRO A 47 -10.54 -8.28 13.51
CA PRO A 47 -9.47 -9.03 12.89
C PRO A 47 -9.48 -8.89 11.38
N GLY A 48 -8.34 -9.13 10.74
CA GLY A 48 -8.22 -9.05 9.27
C GLY A 48 -7.31 -10.14 8.81
N THR A 49 -7.77 -10.96 7.89
CA THR A 49 -6.93 -12.06 7.41
C THR A 49 -7.06 -12.05 5.92
N TYR A 50 -6.03 -11.60 5.20
CA TYR A 50 -6.18 -11.49 3.77
C TYR A 50 -5.17 -12.30 2.98
N ILE A 51 -5.52 -12.59 1.75
CA ILE A 51 -4.58 -13.20 0.84
C ILE A 51 -4.75 -12.43 -0.47
N ALA A 52 -3.62 -11.93 -0.94
CA ALA A 52 -3.60 -11.07 -2.10
C ALA A 52 -4.32 -11.78 -3.24
N GLY A 53 -5.23 -11.03 -3.86
CA GLY A 53 -5.96 -11.49 -5.01
C GLY A 53 -7.26 -12.23 -4.72
N VAL A 54 -7.46 -12.66 -3.46
CA VAL A 54 -8.71 -13.34 -3.23
C VAL A 54 -9.78 -12.32 -2.87
N PHE A 55 -10.68 -12.13 -3.82
CA PHE A 55 -11.79 -11.24 -3.80
C PHE A 55 -13.11 -12.00 -4.02
N ASP A 56 -14.19 -11.35 -3.62
CA ASP A 56 -15.53 -11.88 -3.64
C ASP A 56 -16.55 -10.78 -3.62
N LYS A 57 -17.60 -10.98 -4.39
CA LYS A 57 -18.69 -10.02 -4.40
C LYS A 57 -19.91 -10.48 -3.57
N SER A 58 -20.43 -11.65 -3.94
CA SER A 58 -21.62 -12.15 -3.32
C SER A 58 -22.68 -11.05 -3.25
N THR A 59 -23.27 -10.85 -2.09
CA THR A 59 -24.39 -9.87 -2.00
C THR A 59 -23.99 -8.43 -1.88
N ALA A 60 -22.68 -8.16 -1.78
CA ALA A 60 -22.11 -6.80 -1.69
C ALA A 60 -22.24 -5.97 -2.95
N GLN A 61 -22.07 -4.68 -2.76
CA GLN A 61 -22.24 -3.68 -3.82
C GLN A 61 -21.18 -3.80 -4.95
N VAL A 62 -19.94 -4.10 -4.55
CA VAL A 62 -18.82 -4.28 -5.46
C VAL A 62 -17.91 -5.37 -4.93
N THR A 63 -16.99 -5.89 -5.73
CA THR A 63 -16.18 -7.02 -5.20
C THR A 63 -15.23 -6.53 -4.09
N GLU A 64 -14.66 -7.41 -3.27
CA GLU A 64 -13.91 -6.96 -2.08
C GLU A 64 -12.91 -8.00 -1.72
N LEU A 65 -11.82 -7.56 -1.14
CA LEU A 65 -10.79 -8.48 -0.75
C LEU A 65 -11.37 -9.20 0.43
N VAL A 66 -11.15 -10.51 0.59
CA VAL A 66 -11.96 -11.26 1.55
C VAL A 66 -11.34 -11.35 2.91
N ASN A 67 -12.11 -10.99 3.93
CA ASN A 67 -11.61 -11.30 5.26
C ASN A 67 -11.84 -12.77 5.58
N LEU A 68 -10.77 -13.50 5.67
CA LEU A 68 -10.81 -14.92 5.86
C LEU A 68 -10.97 -15.33 7.30
N PRO A 69 -11.14 -16.64 7.55
CA PRO A 69 -11.21 -17.05 8.94
C PRO A 69 -9.98 -16.53 9.61
N ASN A 70 -10.08 -16.17 10.89
CA ASN A 70 -8.94 -15.75 11.64
C ASN A 70 -8.25 -16.89 12.35
N PRO A 71 -6.99 -17.18 11.96
CA PRO A 71 -6.22 -18.31 12.45
C PRO A 71 -5.28 -18.05 13.59
N ILE A 72 -5.10 -16.82 14.05
CA ILE A 72 -3.96 -16.66 15.00
C ILE A 72 -4.29 -16.77 16.48
N GLY A 73 -5.56 -16.99 16.80
CA GLY A 73 -6.04 -16.90 18.15
C GLY A 73 -5.30 -17.80 19.09
N LEU A 74 -4.97 -17.31 20.27
CA LEU A 74 -4.36 -18.13 21.26
C LEU A 74 -4.79 -17.66 22.63
N ARG A 75 -5.33 -18.56 23.45
CA ARG A 75 -5.76 -18.21 24.80
C ARG A 75 -5.24 -19.17 25.84
N ILE A 76 -5.01 -18.66 27.03
CA ILE A 76 -4.58 -19.47 28.18
C ILE A 76 -5.68 -19.68 29.20
N TYR A 77 -5.70 -20.87 29.79
CA TYR A 77 -6.69 -21.15 30.82
C TYR A 77 -5.96 -21.71 32.01
N ILE A 78 -6.40 -21.26 33.21
CA ILE A 78 -5.88 -21.79 34.46
C ILE A 78 -6.97 -22.59 35.15
N ASN A 79 -6.71 -23.88 35.30
CA ASN A 79 -7.74 -24.77 35.81
C ASN A 79 -9.09 -24.50 35.11
N ARG A 80 -9.06 -24.40 33.79
CA ARG A 80 -10.27 -24.30 33.00
C ARG A 80 -10.93 -22.93 33.09
N GLU A 81 -10.30 -21.97 33.72
CA GLU A 81 -10.80 -20.60 33.64
C GLU A 81 -9.87 -19.78 32.80
N PHE A 82 -10.47 -19.05 31.88
CA PHE A 82 -9.76 -18.28 30.90
C PHE A 82 -9.10 -17.15 31.61
N LEU A 83 -7.77 -17.08 31.49
CA LEU A 83 -6.99 -15.92 31.91
C LEU A 83 -7.16 -14.69 31.03
N ASN A 84 -8.13 -13.86 31.36
CA ASN A 84 -8.46 -12.72 30.52
C ASN A 84 -7.61 -11.46 30.85
N PRO A 85 -6.69 -11.09 29.96
CA PRO A 85 -5.84 -9.95 30.28
C PRO A 85 -6.62 -8.68 30.58
N LEU A 86 -7.74 -8.44 29.91
CA LEU A 86 -8.59 -7.31 30.28
C LEU A 86 -9.33 -7.40 31.66
N LYS A 87 -9.22 -8.50 32.39
CA LYS A 87 -9.89 -8.56 33.67
C LYS A 87 -8.87 -8.71 34.77
N CYS A 88 -7.63 -8.36 34.44
CA CYS A 88 -6.54 -8.46 35.38
C CYS A 88 -5.94 -7.10 35.76
N GLU A 89 -5.11 -7.14 36.80
CA GLU A 89 -4.27 -6.03 37.17
C GLU A 89 -3.02 -6.16 36.29
N ILE A 90 -2.75 -5.13 35.47
CA ILE A 90 -1.60 -5.16 34.58
C ILE A 90 -0.34 -4.72 35.32
N LEU A 91 0.51 -5.64 35.76
CA LEU A 91 1.71 -5.18 36.44
C LEU A 91 2.82 -4.72 35.47
N GLU A 92 2.95 -5.38 34.34
CA GLU A 92 3.87 -4.96 33.28
C GLU A 92 3.19 -5.11 31.91
N PHE A 93 3.41 -4.16 31.02
CA PHE A 93 2.94 -4.23 29.62
C PHE A 93 3.98 -3.72 28.65
N LYS A 94 4.40 -4.53 27.71
CA LYS A 94 5.16 -4.00 26.60
C LYS A 94 4.61 -4.53 25.28
N ARG A 95 4.31 -3.65 24.36
CA ARG A 95 3.92 -4.07 23.03
C ARG A 95 4.50 -3.17 21.94
N VAL A 96 5.37 -3.78 21.14
CA VAL A 96 5.99 -3.10 20.06
C VAL A 96 6.11 -3.88 18.77
N LEU A 97 5.91 -3.14 17.72
CA LEU A 97 6.30 -3.55 16.42
C LEU A 97 7.79 -3.25 16.27
N ASP A 98 8.57 -4.28 16.06
CA ASP A 98 10.00 -4.18 15.74
C ASP A 98 10.19 -4.14 14.21
N LEU A 99 10.44 -2.95 13.67
CA LEU A 99 10.59 -2.73 12.25
C LEU A 99 11.85 -3.35 11.63
N LYS A 100 12.87 -3.64 12.40
CA LYS A 100 14.10 -4.13 11.77
C LYS A 100 13.98 -5.63 11.55
N GLN A 101 13.52 -6.33 12.60
CA GLN A 101 13.27 -7.76 12.52
C GLN A 101 11.89 -8.17 11.93
N GLY A 102 10.93 -7.25 11.83
CA GLY A 102 9.62 -7.53 11.21
C GLY A 102 8.78 -8.51 12.06
N ILE A 103 8.58 -8.17 13.33
CA ILE A 103 7.84 -8.97 14.25
C ILE A 103 6.99 -8.09 15.17
N LEU A 104 5.96 -8.66 15.78
CA LEU A 104 5.10 -7.96 16.75
C LEU A 104 5.26 -8.65 18.11
N TYR A 105 5.54 -7.87 19.14
CA TYR A 105 6.03 -8.43 20.39
C TYR A 105 5.11 -8.00 21.52
N ARG A 106 4.90 -8.86 22.49
CA ARG A 106 4.09 -8.48 23.62
C ARG A 106 4.56 -9.23 24.86
N LYS A 107 4.72 -8.48 25.93
CA LYS A 107 5.05 -9.02 27.23
C LYS A 107 4.00 -8.51 28.13
N LEU A 108 3.51 -9.42 28.95
CA LEU A 108 2.47 -9.14 29.90
C LEU A 108 2.78 -9.80 31.23
N ARG A 109 2.56 -9.05 32.30
CA ARG A 109 2.66 -9.61 33.64
C ARG A 109 1.33 -9.27 34.26
N LEU A 110 0.55 -10.30 34.58
CA LEU A 110 -0.81 -10.09 35.04
C LEU A 110 -1.06 -10.73 36.38
N LYS A 111 -1.99 -10.11 37.09
CA LYS A 111 -2.45 -10.57 38.37
C LYS A 111 -3.97 -10.66 38.31
N ASP A 112 -4.48 -11.89 38.34
CA ASP A 112 -5.90 -12.14 38.24
C ASP A 112 -6.56 -12.04 39.62
N VAL A 113 -7.90 -11.96 39.63
CA VAL A 113 -8.68 -11.73 40.86
C VAL A 113 -8.41 -12.75 41.97
N LYS A 114 -8.01 -13.96 41.61
CA LYS A 114 -7.61 -14.89 42.64
C LYS A 114 -6.17 -14.65 43.07
N GLY A 115 -5.60 -13.47 42.81
CA GLY A 115 -4.20 -13.19 43.19
C GLY A 115 -3.08 -13.99 42.54
N ARG A 116 -3.38 -14.72 41.47
CA ARG A 116 -2.32 -15.45 40.77
C ARG A 116 -1.63 -14.50 39.81
N ILE A 117 -0.33 -14.75 39.58
CA ILE A 117 0.50 -13.90 38.75
C ILE A 117 1.16 -14.76 37.70
N THR A 118 0.97 -14.29 36.46
CA THR A 118 1.38 -15.02 35.29
C THR A 118 2.06 -14.04 34.34
N THR A 119 3.19 -14.43 33.75
CA THR A 119 3.73 -13.62 32.64
C THR A 119 3.60 -14.36 31.30
N ILE A 120 3.19 -13.58 30.30
CA ILE A 120 3.08 -14.07 28.95
C ILE A 120 3.91 -13.14 28.08
N GLU A 121 4.86 -13.72 27.36
CA GLU A 121 5.83 -12.99 26.58
C GLU A 121 6.17 -13.70 25.28
N GLY A 122 6.00 -12.99 24.17
CA GLY A 122 6.58 -13.46 22.92
C GLY A 122 6.18 -12.58 21.76
N PHE A 123 6.18 -13.18 20.58
CA PHE A 123 5.96 -12.46 19.31
C PHE A 123 5.35 -13.32 18.21
N ARG A 124 4.96 -12.63 17.15
CA ARG A 124 4.57 -13.29 15.93
C ARG A 124 5.15 -12.64 14.63
N PHE A 125 5.10 -13.38 13.55
CA PHE A 125 5.41 -12.76 12.28
C PHE A 125 4.87 -13.52 11.13
N VAL A 126 4.85 -12.88 9.97
CA VAL A 126 4.40 -13.48 8.75
C VAL A 126 5.61 -13.71 7.82
N SER A 127 6.22 -14.90 7.81
CA SER A 127 7.49 -15.16 7.10
C SER A 127 7.65 -14.38 5.83
N MET A 128 8.67 -13.55 5.76
CA MET A 128 9.09 -12.98 4.50
C MET A 128 9.64 -14.02 3.55
N ASN A 129 10.40 -15.01 4.03
CA ASN A 129 10.89 -15.97 3.04
C ASN A 129 9.90 -17.04 2.61
N ASN A 130 9.07 -17.54 3.52
CA ASN A 130 8.06 -18.56 3.21
C ASN A 130 6.66 -18.01 3.14
N LYS A 131 6.12 -17.85 1.96
CA LYS A 131 4.89 -17.07 1.80
C LYS A 131 3.59 -17.58 2.38
N ASN A 132 3.54 -18.86 2.71
CA ASN A 132 2.33 -19.44 3.26
C ASN A 132 2.37 -19.44 4.78
N LEU A 133 3.49 -19.07 5.39
CA LEU A 133 3.73 -19.30 6.81
C LEU A 133 3.52 -18.11 7.76
N ILE A 134 2.99 -18.38 8.94
CA ILE A 134 2.86 -17.41 10.02
C ILE A 134 3.37 -18.10 11.24
N VAL A 135 4.09 -17.37 12.08
CA VAL A 135 4.78 -17.99 13.18
C VAL A 135 4.45 -17.23 14.42
N GLN A 136 4.19 -17.95 15.52
CA GLN A 136 3.94 -17.38 16.84
C GLN A 136 4.67 -18.20 17.87
N LYS A 137 5.13 -17.52 18.91
CA LYS A 137 5.92 -18.17 19.94
C LYS A 137 5.74 -17.36 21.19
N TYR A 138 5.22 -17.99 22.24
CA TYR A 138 5.05 -17.28 23.48
C TYR A 138 5.53 -18.10 24.64
N ASP A 139 5.98 -17.42 25.67
CA ASP A 139 6.56 -18.06 26.83
C ASP A 139 5.63 -17.75 27.98
N VAL A 140 5.27 -18.78 28.74
CA VAL A 140 4.41 -18.61 29.92
C VAL A 140 5.12 -18.99 31.22
N VAL A 141 4.98 -18.12 32.21
CA VAL A 141 5.45 -18.42 33.55
C VAL A 141 4.33 -18.17 34.52
N CYS A 142 4.09 -19.17 35.36
CA CYS A 142 3.24 -19.07 36.52
C CYS A 142 4.18 -18.69 37.65
N GLU A 143 4.01 -17.49 38.17
CA GLU A 143 5.03 -16.87 39.00
C GLU A 143 4.96 -17.37 40.41
N ASN A 144 3.73 -17.50 40.92
CA ASN A 144 3.42 -17.72 42.33
C ASN A 144 2.36 -18.77 42.51
N TYR A 145 2.31 -19.76 41.63
CA TYR A 145 1.26 -20.79 41.70
C TYR A 145 1.61 -21.94 40.80
N SER A 146 0.94 -23.07 41.05
CA SER A 146 0.93 -24.21 40.18
C SER A 146 -0.52 -24.50 39.78
N ALA A 147 -0.67 -25.06 38.56
CA ALA A 147 -1.98 -25.38 38.01
C ALA A 147 -1.93 -26.18 36.76
N VAL A 148 -3.13 -26.50 36.29
CA VAL A 148 -3.27 -27.02 34.98
C VAL A 148 -3.53 -25.86 34.03
N LEU A 149 -2.68 -25.70 33.05
CA LEU A 149 -2.92 -24.71 32.04
C LEU A 149 -3.50 -25.39 30.85
N ASN A 150 -4.43 -24.71 30.19
CA ASN A 150 -4.84 -25.13 28.87
C ASN A 150 -4.36 -24.02 27.95
N VAL A 151 -3.59 -24.43 26.97
CA VAL A 151 -3.24 -23.57 25.88
C VAL A 151 -4.13 -23.87 24.65
N GLU A 152 -4.90 -22.87 24.24
CA GLU A 152 -5.94 -23.04 23.23
C GLU A 152 -5.59 -22.30 21.97
N SER A 153 -5.14 -23.03 20.94
CA SER A 153 -5.01 -22.46 19.60
C SER A 153 -6.34 -22.55 18.95
N PHE A 154 -6.70 -21.58 18.16
CA PHE A 154 -7.91 -21.70 17.38
C PHE A 154 -8.00 -20.94 16.04
N ILE A 155 -8.81 -21.53 15.15
CA ILE A 155 -9.11 -20.96 13.87
C ILE A 155 -10.57 -20.60 13.91
N ASP A 156 -10.87 -19.32 13.77
CA ASP A 156 -12.20 -18.81 13.89
C ASP A 156 -12.81 -18.40 12.55
N ALA A 157 -13.75 -19.21 12.10
CA ALA A 157 -14.44 -18.98 10.85
C ALA A 157 -15.74 -18.27 11.01
N THR A 158 -15.87 -17.41 11.98
CA THR A 158 -17.05 -16.51 12.02
C THR A 158 -16.71 -15.14 11.45
N THR A 159 -15.55 -14.95 10.85
CA THR A 159 -15.21 -13.62 10.44
C THR A 159 -16.04 -13.19 9.27
N VAL A 160 -16.33 -11.91 9.18
CA VAL A 160 -17.03 -11.36 8.03
C VAL A 160 -16.35 -10.10 7.55
N ASN A 161 -16.84 -9.50 6.48
CA ASN A 161 -16.31 -8.25 6.01
C ASN A 161 -17.25 -7.26 6.52
N SER A 162 -16.76 -6.03 6.71
CA SER A 162 -17.56 -4.90 7.17
C SER A 162 -18.26 -5.21 8.48
N LYS A 163 -17.55 -5.92 9.37
CA LYS A 163 -18.01 -6.27 10.71
C LYS A 163 -18.86 -5.21 11.41
N ASP A 164 -18.43 -3.95 11.44
CA ASP A 164 -19.15 -2.98 12.26
C ASP A 164 -20.29 -2.22 11.57
N VAL A 165 -20.60 -2.53 10.32
CA VAL A 165 -21.61 -1.76 9.58
C VAL A 165 -22.75 -2.72 9.23
N PRO A 166 -23.89 -2.63 9.91
CA PRO A 166 -24.89 -3.66 9.66
C PRO A 166 -25.35 -3.75 8.22
N ASN A 167 -25.42 -2.66 7.48
CA ASN A 167 -25.87 -2.73 6.08
C ASN A 167 -24.90 -3.44 5.19
N ASP A 168 -23.64 -3.52 5.58
CA ASP A 168 -22.63 -3.98 4.62
C ASP A 168 -21.91 -5.25 4.99
N ARG A 169 -22.32 -5.85 6.10
CA ARG A 169 -21.72 -7.10 6.50
C ARG A 169 -22.00 -8.11 5.40
N VAL A 170 -20.94 -8.76 4.90
CA VAL A 170 -21.09 -9.98 4.23
C VAL A 170 -19.99 -10.93 4.59
N LYS A 171 -20.41 -12.19 4.64
CA LYS A 171 -19.54 -13.34 4.84
C LYS A 171 -19.26 -13.78 3.42
N HIS A 172 -17.99 -13.83 3.03
CA HIS A 172 -17.61 -14.09 1.64
C HIS A 172 -17.13 -15.50 1.34
N TYR A 173 -17.22 -16.39 2.31
CA TYR A 173 -16.82 -17.75 2.17
C TYR A 173 -17.76 -18.69 2.96
N GLU A 174 -17.66 -19.99 2.67
CA GLU A 174 -18.41 -21.05 3.32
C GLU A 174 -17.41 -22.11 3.68
N ILE A 175 -17.66 -22.88 4.70
CA ILE A 175 -16.67 -23.84 5.11
C ILE A 175 -16.89 -25.13 4.34
N ASP A 176 -15.79 -25.74 3.96
CA ASP A 176 -15.80 -26.94 3.16
C ASP A 176 -15.40 -28.14 3.98
N LYS A 177 -14.59 -27.93 5.01
CA LYS A 177 -13.96 -29.03 5.67
C LYS A 177 -13.30 -28.52 6.93
N LYS A 178 -13.36 -29.35 7.97
CA LYS A 178 -12.67 -29.13 9.23
C LYS A 178 -11.99 -30.44 9.64
N LYS A 179 -10.80 -30.42 10.23
CA LYS A 179 -10.15 -31.69 10.47
C LYS A 179 -9.04 -31.65 11.48
N ASP A 180 -9.06 -32.61 12.41
CA ASP A 180 -7.98 -32.85 13.31
C ASP A 180 -7.17 -33.95 12.65
N PHE A 181 -6.00 -33.62 12.12
CA PHE A 181 -5.12 -34.58 11.51
C PHE A 181 -3.97 -34.96 12.45
N ALA A 182 -4.23 -34.96 13.76
CA ALA A 182 -3.28 -35.39 14.80
C ALA A 182 -2.09 -34.47 14.99
N ASP A 183 -1.41 -34.19 13.89
CA ASP A 183 -0.34 -33.19 13.82
C ASP A 183 -0.76 -31.73 13.78
N GLY A 184 -2.06 -31.47 13.73
CA GLY A 184 -2.52 -30.12 13.70
C GLY A 184 -4.00 -30.15 13.48
N ILE A 185 -4.59 -28.99 13.18
CA ILE A 185 -5.99 -28.86 12.85
C ILE A 185 -6.10 -28.11 11.54
N TYR A 186 -7.17 -28.37 10.81
CA TYR A 186 -7.36 -27.80 9.49
C TYR A 186 -8.73 -27.25 9.31
N LEU A 187 -8.83 -26.12 8.65
CA LEU A 187 -10.08 -25.60 8.23
C LEU A 187 -9.86 -25.04 6.82
N GLY A 188 -10.74 -25.37 5.88
CA GLY A 188 -10.69 -24.83 4.54
C GLY A 188 -12.03 -24.31 4.05
N ILE A 189 -12.03 -23.36 3.14
CA ILE A 189 -13.21 -22.65 2.77
C ILE A 189 -13.25 -22.46 1.25
N THR A 190 -14.40 -22.05 0.71
CA THR A 190 -14.50 -21.63 -0.67
C THR A 190 -15.21 -20.32 -0.69
N THR A 191 -14.82 -19.40 -1.57
CA THR A 191 -15.52 -18.10 -1.67
C THR A 191 -16.96 -18.29 -2.16
N LYS A 192 -17.83 -17.36 -1.85
CA LYS A 192 -19.23 -17.53 -2.22
C LYS A 192 -19.44 -17.52 -3.75
N ASP A 193 -18.77 -16.62 -4.46
CA ASP A 193 -18.73 -16.66 -5.94
C ASP A 193 -18.04 -17.92 -6.47
N LYS A 194 -17.41 -18.69 -5.61
CA LYS A 194 -16.81 -19.97 -6.00
C LYS A 194 -15.54 -19.88 -6.84
N LYS A 195 -14.85 -18.73 -6.80
CA LYS A 195 -13.58 -18.53 -7.54
C LYS A 195 -12.33 -18.86 -6.84
N TYR A 196 -12.33 -18.92 -5.51
CA TYR A 196 -11.07 -19.26 -4.79
C TYR A 196 -11.30 -20.20 -3.66
N LYS A 197 -10.32 -21.03 -3.39
CA LYS A 197 -10.43 -21.91 -2.21
C LYS A 197 -9.23 -21.62 -1.43
N VAL A 198 -9.37 -21.61 -0.12
CA VAL A 198 -8.24 -21.38 0.74
C VAL A 198 -8.26 -22.49 1.73
N GLY A 199 -7.08 -22.94 2.14
CA GLY A 199 -6.93 -23.88 3.22
C GLY A 199 -5.98 -23.35 4.31
N ILE A 200 -6.28 -23.67 5.57
CA ILE A 200 -5.54 -23.21 6.70
C ILE A 200 -5.26 -24.39 7.57
N ALA A 201 -4.01 -24.77 7.69
CA ALA A 201 -3.64 -25.81 8.62
C ALA A 201 -2.82 -25.11 9.66
N SER A 202 -2.73 -25.66 10.87
CA SER A 202 -2.05 -25.00 11.98
C SER A 202 -1.68 -26.02 13.02
N SER A 203 -0.50 -25.95 13.60
CA SER A 203 -0.08 -26.89 14.62
C SER A 203 0.54 -26.16 15.75
N THR A 204 0.09 -26.37 16.97
CA THR A 204 0.69 -25.78 18.15
C THR A 204 1.35 -26.90 18.91
N LYS A 205 2.29 -26.54 19.77
CA LYS A 205 2.84 -27.44 20.74
C LYS A 205 3.47 -26.65 21.85
N VAL A 206 3.79 -27.36 22.94
CA VAL A 206 4.22 -26.74 24.20
C VAL A 206 5.40 -27.50 24.80
N LEU A 207 6.49 -26.76 25.03
CA LEU A 207 7.77 -27.33 25.47
C LEU A 207 8.25 -26.81 26.81
N LEU A 208 9.10 -27.59 27.45
CA LEU A 208 9.78 -27.13 28.67
C LEU A 208 11.19 -27.66 28.66
N ASN A 209 12.16 -26.73 28.51
CA ASN A 209 13.52 -27.08 28.11
C ASN A 209 13.53 -27.99 26.91
N ASN A 210 12.83 -27.54 25.87
CA ASN A 210 12.88 -28.12 24.53
C ASN A 210 12.26 -29.46 24.39
N GLN A 211 11.62 -29.94 25.44
CA GLN A 211 11.01 -31.26 25.33
C GLN A 211 9.49 -31.14 25.55
N ARG A 212 8.70 -31.80 24.71
CA ARG A 212 7.23 -31.76 24.80
C ARG A 212 6.75 -32.20 26.18
N CYS A 213 5.91 -31.35 26.77
CA CYS A 213 5.57 -31.47 28.20
C CYS A 213 4.05 -31.37 28.50
N TYR A 214 3.20 -31.38 27.48
CA TYR A 214 1.78 -31.42 27.73
C TYR A 214 1.38 -32.88 27.96
N PHE A 215 0.55 -33.10 28.98
CA PHE A 215 0.06 -34.46 29.24
C PHE A 215 -1.19 -34.82 28.44
N ASN A 216 -1.79 -33.87 27.76
CA ASN A 216 -2.98 -34.15 26.98
C ASN A 216 -3.23 -33.13 25.86
N ARG A 217 -3.54 -33.65 24.68
CA ARG A 217 -3.91 -32.82 23.58
C ARG A 217 -5.30 -33.23 23.12
N PHE A 218 -6.27 -32.31 23.15
CA PHE A 218 -7.56 -32.53 22.56
C PHE A 218 -7.97 -31.42 21.62
N THR A 219 -8.98 -31.74 20.81
CA THR A 219 -9.48 -31.00 19.71
C THR A 219 -11.01 -30.71 19.83
N LYS A 220 -11.53 -29.64 19.26
CA LYS A 220 -12.94 -29.41 19.31
C LYS A 220 -13.41 -28.82 18.01
N ASP A 221 -14.51 -29.32 17.48
CA ASP A 221 -15.18 -28.74 16.34
C ASP A 221 -16.44 -28.11 16.84
N LEU A 222 -16.49 -26.79 16.99
CA LEU A 222 -17.72 -26.12 17.43
C LEU A 222 -18.42 -25.44 16.27
N GLY A 223 -18.31 -26.00 15.09
CA GLY A 223 -19.15 -25.53 14.00
C GLY A 223 -18.30 -24.55 13.29
N TYR A 224 -18.33 -23.30 13.71
CA TYR A 224 -17.66 -22.26 12.98
C TYR A 224 -16.28 -21.89 13.55
N ILE A 225 -15.75 -22.77 14.41
CA ILE A 225 -14.52 -22.57 15.13
C ILE A 225 -13.98 -23.95 15.40
N ILE A 226 -12.69 -24.16 15.23
CA ILE A 226 -12.11 -25.42 15.59
C ILE A 226 -10.91 -25.06 16.49
N THR A 227 -10.61 -25.90 17.49
CA THR A 227 -9.59 -25.56 18.50
C THR A 227 -8.65 -26.74 18.70
N GLU A 228 -7.44 -26.45 19.15
CA GLU A 228 -6.42 -27.45 19.42
C GLU A 228 -5.97 -27.00 20.81
N ASN A 229 -5.90 -27.94 21.74
CA ASN A 229 -5.77 -27.63 23.14
C ASN A 229 -4.65 -28.46 23.78
N PHE A 230 -3.89 -27.84 24.66
CA PHE A 230 -2.74 -28.51 25.24
C PHE A 230 -2.80 -28.30 26.72
N GLU A 231 -2.85 -29.42 27.46
CA GLU A 231 -2.97 -29.37 28.90
C GLU A 231 -1.63 -29.63 29.53
N VAL A 232 -1.25 -28.75 30.43
CA VAL A 232 0.03 -28.87 31.09
C VAL A 232 -0.11 -28.87 32.60
N GLU A 233 0.54 -29.79 33.29
CA GLU A 233 0.74 -29.63 34.75
C GLU A 233 1.88 -28.64 35.03
N ALA A 234 1.54 -27.37 35.14
CA ALA A 234 2.50 -26.28 35.19
C ALA A 234 3.03 -26.09 36.60
N LYS A 235 4.36 -26.06 36.72
CA LYS A 235 5.05 -25.83 38.00
C LYS A 235 5.48 -24.38 38.16
N GLN A 236 5.19 -23.82 39.33
CA GLN A 236 5.63 -22.49 39.65
C GLN A 236 7.01 -22.16 39.10
N GLY A 237 7.11 -21.02 38.45
CA GLY A 237 8.37 -20.52 37.99
C GLY A 237 8.97 -21.23 36.80
N GLU A 238 8.33 -22.25 36.26
CA GLU A 238 8.90 -22.84 35.07
C GLU A 238 8.45 -22.06 33.83
N ARG A 239 9.28 -22.21 32.79
CA ARG A 239 9.17 -21.52 31.53
C ARG A 239 8.60 -22.47 30.44
N TYR A 240 7.31 -22.30 30.18
CA TYR A 240 6.65 -23.10 29.13
C TYR A 240 6.66 -22.37 27.78
N GLU A 241 7.24 -23.04 26.80
CA GLU A 241 7.34 -22.49 25.46
C GLU A 241 6.19 -22.96 24.60
N ILE A 242 5.40 -22.02 24.11
CA ILE A 242 4.35 -22.27 23.16
C ILE A 242 4.78 -21.81 21.75
N GLU A 243 4.60 -22.68 20.77
CA GLU A 243 5.04 -22.44 19.40
C GLU A 243 3.94 -22.87 18.47
N LYS A 244 3.40 -21.94 17.71
CA LYS A 244 2.31 -22.26 16.83
C LYS A 244 2.64 -21.80 15.42
N LEU A 245 2.68 -22.76 14.48
CA LEU A 245 2.86 -22.45 13.08
C LEU A 245 1.52 -22.66 12.42
N THR A 246 1.31 -21.92 11.33
CA THR A 246 0.08 -21.92 10.62
C THR A 246 0.37 -21.67 9.15
N VAL A 247 -0.43 -22.30 8.30
CA VAL A 247 -0.17 -22.25 6.88
C VAL A 247 -1.40 -21.89 6.13
N LEU A 248 -1.32 -20.87 5.29
CA LEU A 248 -2.40 -20.59 4.36
C LEU A 248 -2.02 -20.93 2.93
N VAL A 249 -2.93 -21.53 2.19
CA VAL A 249 -2.67 -21.87 0.82
C VAL A 249 -3.89 -21.49 0.05
N SER A 250 -3.77 -20.95 -1.17
CA SER A 250 -5.00 -20.66 -1.90
C SER A 250 -4.93 -21.22 -3.27
N SER A 251 -6.10 -21.27 -3.93
CA SER A 251 -6.21 -21.74 -5.27
C SER A 251 -5.41 -20.82 -6.25
N ARG A 252 -5.00 -19.63 -5.82
CA ARG A 252 -4.23 -18.71 -6.68
C ARG A 252 -2.84 -19.22 -7.00
N GLU A 253 -2.27 -20.15 -6.19
CA GLU A 253 -0.90 -20.72 -6.33
C GLU A 253 -0.94 -21.89 -7.28
N LYS A 254 0.22 -22.37 -7.72
CA LYS A 254 0.37 -23.18 -8.94
C LYS A 254 0.48 -24.64 -8.59
N ASN A 255 -0.19 -25.51 -9.35
CA ASN A 255 -0.20 -26.97 -9.03
C ASN A 255 -0.71 -27.23 -7.62
N VAL A 256 -1.63 -26.40 -7.19
CA VAL A 256 -2.28 -26.64 -5.96
C VAL A 256 -3.63 -27.15 -6.40
N GLY A 257 -3.73 -28.48 -6.48
CA GLY A 257 -4.98 -29.18 -6.74
C GLY A 257 -5.77 -29.33 -5.46
N ASP A 258 -5.20 -30.02 -4.48
CA ASP A 258 -5.88 -30.23 -3.21
C ASP A 258 -5.30 -29.30 -2.07
N VAL A 259 -5.95 -28.15 -1.84
CA VAL A 259 -5.41 -27.27 -0.82
C VAL A 259 -5.21 -27.99 0.52
N PHE A 260 -6.03 -29.00 0.82
CA PHE A 260 -5.86 -29.73 2.07
C PHE A 260 -4.50 -30.44 2.11
N GLU A 261 -4.14 -31.15 1.05
CA GLU A 261 -2.86 -31.84 1.05
C GLU A 261 -1.68 -30.89 0.97
N THR A 262 -1.78 -29.87 0.12
CA THR A 262 -0.75 -28.86 0.07
C THR A 262 -0.44 -28.22 1.43
N CYS A 263 -1.47 -27.75 2.18
CA CYS A 263 -1.26 -27.24 3.57
C CYS A 263 -0.59 -28.20 4.52
N THR A 264 -1.12 -29.41 4.61
CA THR A 264 -0.60 -30.35 5.58
C THR A 264 0.86 -30.65 5.31
N ASN A 265 1.19 -30.79 4.01
CA ASN A 265 2.54 -31.10 3.59
C ASN A 265 3.52 -30.02 3.93
N LYS A 266 3.11 -28.83 3.54
CA LYS A 266 3.81 -27.60 3.85
C LYS A 266 4.10 -27.44 5.33
N LEU A 267 3.10 -27.74 6.14
CA LEU A 267 3.23 -27.56 7.56
C LEU A 267 4.15 -28.59 8.10
N LYS A 268 4.05 -29.80 7.55
CA LYS A 268 4.94 -30.86 7.98
C LYS A 268 6.37 -30.37 7.79
N GLU A 269 6.67 -29.74 6.66
CA GLU A 269 8.02 -29.22 6.38
C GLU A 269 8.44 -28.16 7.36
N PHE A 270 7.59 -27.14 7.49
CA PHE A 270 7.97 -26.03 8.33
C PHE A 270 8.15 -26.51 9.75
N GLU A 271 7.44 -27.56 10.13
CA GLU A 271 7.58 -28.10 11.48
C GLU A 271 8.90 -28.84 11.76
N THR A 272 9.70 -29.12 10.74
CA THR A 272 11.02 -29.71 10.95
C THR A 272 11.99 -28.62 11.44
N LYS A 273 11.55 -27.36 11.38
CA LYS A 273 12.32 -26.24 11.85
C LYS A 273 11.69 -25.63 13.08
N SER A 274 12.53 -25.09 13.95
CA SER A 274 12.02 -24.39 15.12
C SER A 274 11.54 -23.00 14.72
N ALA A 275 10.82 -22.36 15.62
CA ALA A 275 10.51 -20.95 15.47
C ALA A 275 11.75 -20.05 15.35
N GLU A 276 12.85 -20.37 16.03
CA GLU A 276 14.07 -19.52 15.95
C GLU A 276 14.66 -19.56 14.55
N LYS A 277 14.89 -20.77 14.07
CA LYS A 277 15.39 -21.01 12.72
C LYS A 277 14.53 -20.27 11.69
N LEU A 278 13.21 -20.33 11.85
CA LEU A 278 12.32 -19.71 10.89
C LEU A 278 12.34 -18.20 10.96
N LEU A 279 12.56 -17.72 12.17
CA LEU A 279 12.73 -16.29 12.46
C LEU A 279 14.02 -15.78 11.84
N PHE A 280 15.06 -16.56 11.96
CA PHE A 280 16.33 -16.20 11.43
C PHE A 280 16.16 -16.08 9.90
N GLU A 281 15.70 -17.10 9.24
CA GLU A 281 15.46 -16.97 7.81
C GLU A 281 14.62 -15.71 7.50
N HIS A 282 13.68 -15.39 8.39
CA HIS A 282 12.71 -14.29 8.18
C HIS A 282 13.50 -12.99 8.14
N ILE A 283 14.35 -12.87 9.14
CA ILE A 283 15.12 -11.70 9.36
C ILE A 283 16.12 -11.49 8.23
N GLU A 284 16.71 -12.56 7.69
CA GLU A 284 17.71 -12.39 6.62
C GLU A 284 17.00 -11.67 5.51
N GLU A 285 15.70 -11.88 5.36
CA GLU A 285 15.03 -11.32 4.22
C GLU A 285 14.83 -9.85 4.42
N TYR A 286 14.53 -9.53 5.68
CA TYR A 286 14.34 -8.13 6.09
C TYR A 286 15.69 -7.39 6.00
N LYS A 287 16.78 -7.97 6.51
CA LYS A 287 18.12 -7.43 6.25
C LYS A 287 18.34 -7.04 4.79
N ARG A 288 18.16 -8.02 3.91
CA ARG A 288 18.38 -7.83 2.51
C ARG A 288 17.54 -6.66 1.99
N LEU A 289 16.32 -6.52 2.47
CA LEU A 289 15.46 -5.42 2.00
C LEU A 289 15.81 -4.06 2.55
N TRP A 290 16.24 -4.02 3.81
CA TRP A 290 16.52 -2.77 4.53
C TRP A 290 17.90 -2.26 4.11
N ASP A 291 18.84 -3.18 3.98
CA ASP A 291 20.11 -2.87 3.43
C ASP A 291 20.00 -1.94 2.18
N VAL A 292 18.90 -1.94 1.46
CA VAL A 292 18.73 -0.98 0.37
C VAL A 292 17.70 0.07 0.66
N ALA A 293 16.69 -0.20 1.50
CA ALA A 293 15.54 0.75 1.54
C ALA A 293 15.57 1.63 2.74
N ASN A 294 16.39 1.27 3.72
CA ASN A 294 16.57 2.12 4.88
C ASN A 294 16.97 3.54 4.56
N ILE A 295 16.55 4.46 5.40
CA ILE A 295 16.89 5.87 5.17
C ILE A 295 17.20 6.55 6.46
N ASP A 296 18.47 6.85 6.73
CA ASP A 296 18.84 7.50 7.99
C ASP A 296 18.70 9.00 7.88
N ILE A 297 17.96 9.56 8.83
CA ILE A 297 17.95 10.97 9.10
C ILE A 297 18.63 11.25 10.43
N VAL A 298 19.70 12.05 10.43
CA VAL A 298 20.33 12.52 11.69
C VAL A 298 19.77 13.89 12.20
N GLY A 299 19.55 13.99 13.50
CA GLY A 299 19.03 15.24 14.06
C GLY A 299 17.53 15.54 13.99
N ASP A 300 16.71 14.54 13.66
CA ASP A 300 15.27 14.65 13.92
C ASP A 300 14.69 13.28 14.24
N GLU A 301 14.55 12.94 15.52
CA GLU A 301 14.29 11.54 15.93
C GLU A 301 12.88 11.05 15.53
N VAL A 302 11.91 11.92 15.78
CA VAL A 302 10.54 11.66 15.40
C VAL A 302 10.43 11.49 13.88
N ALA A 303 11.31 12.05 13.08
CA ALA A 303 11.20 11.84 11.61
C ALA A 303 11.90 10.56 11.13
N ASN A 304 12.98 10.20 11.79
CA ASN A 304 13.76 9.08 11.38
C ASN A 304 12.91 7.80 11.59
N LYS A 305 12.34 7.74 12.80
CA LYS A 305 11.50 6.69 13.31
C LYS A 305 10.26 6.60 12.42
N SER A 306 9.65 7.74 12.16
CA SER A 306 8.46 7.78 11.33
C SER A 306 8.67 7.20 9.95
N VAL A 307 9.87 7.39 9.43
CA VAL A 307 10.09 7.17 8.02
C VAL A 307 10.33 5.69 7.91
N LYS A 308 11.07 5.18 8.88
CA LYS A 308 11.22 3.75 9.07
C LYS A 308 9.91 2.99 9.06
N PHE A 309 8.93 3.54 9.77
CA PHE A 309 7.62 2.99 9.77
C PHE A 309 7.07 2.97 8.37
N ASN A 310 6.95 4.12 7.71
CA ASN A 310 6.50 4.14 6.33
C ASN A 310 7.24 3.08 5.45
N ILE A 311 8.53 2.93 5.63
CA ILE A 311 9.30 2.17 4.67
C ILE A 311 9.11 0.71 4.93
N PHE A 312 8.98 0.38 6.19
CA PHE A 312 8.68 -0.99 6.65
C PHE A 312 7.49 -1.60 5.96
N HIS A 313 6.41 -0.84 5.96
CA HIS A 313 5.19 -1.35 5.43
C HIS A 313 5.31 -1.49 3.92
N LEU A 314 6.21 -0.72 3.33
CA LEU A 314 6.34 -0.73 1.89
C LEU A 314 7.07 -1.99 1.48
N ILE A 315 8.01 -2.37 2.31
CA ILE A 315 8.84 -3.49 1.94
C ILE A 315 8.17 -4.79 2.32
N SER A 316 7.25 -4.70 3.25
CA SER A 316 6.50 -5.85 3.72
C SER A 316 5.44 -6.26 2.69
N MET A 317 4.84 -5.30 2.02
CA MET A 317 3.65 -5.61 1.32
C MET A 317 3.75 -5.98 -0.16
N ALA A 318 4.93 -5.93 -0.76
CA ALA A 318 4.98 -6.23 -2.20
C ALA A 318 5.58 -7.57 -2.36
N ASN A 319 5.01 -8.35 -3.26
CA ASN A 319 5.56 -9.68 -3.56
C ASN A 319 5.84 -9.84 -5.04
N PRO A 320 7.10 -9.58 -5.44
CA PRO A 320 7.52 -9.69 -6.83
C PRO A 320 7.30 -11.04 -7.50
N GLU A 321 7.15 -12.18 -6.79
CA GLU A 321 6.75 -13.46 -7.48
C GLU A 321 5.30 -13.43 -8.03
N ASP A 322 4.49 -12.47 -7.63
CA ASP A 322 3.14 -12.41 -8.08
C ASP A 322 2.81 -11.34 -9.16
N GLU A 323 2.84 -11.76 -10.40
CA GLU A 323 2.38 -10.92 -11.49
C GLU A 323 0.89 -10.73 -11.73
N HIS A 324 0.05 -11.12 -10.79
CA HIS A 324 -1.44 -11.04 -10.99
C HIS A 324 -2.19 -10.26 -9.87
N VAL A 325 -1.41 -9.57 -9.04
CA VAL A 325 -1.88 -8.70 -8.02
C VAL A 325 -0.96 -7.50 -7.89
N SER A 326 -1.49 -6.47 -7.25
CA SER A 326 -0.83 -5.20 -7.09
C SER A 326 -1.30 -4.72 -5.74
N LEU A 327 -0.99 -3.48 -5.39
CA LEU A 327 -1.24 -2.97 -4.04
C LEU A 327 -2.48 -2.14 -3.99
N GLY A 328 -3.36 -2.52 -3.07
CA GLY A 328 -4.61 -1.81 -2.94
C GLY A 328 -4.38 -0.59 -2.09
N ALA A 329 -5.32 0.33 -2.14
CA ALA A 329 -5.15 1.59 -1.46
C ALA A 329 -4.80 1.47 0.02
N LYS A 330 -5.15 0.35 0.66
CA LYS A 330 -4.79 0.16 2.04
C LYS A 330 -4.00 -1.09 2.27
N GLY A 331 -3.15 -1.44 1.32
CA GLY A 331 -2.23 -2.53 1.52
C GLY A 331 -3.01 -3.83 1.63
N LEU A 332 -2.49 -4.69 2.52
CA LEU A 332 -3.16 -5.88 3.09
C LEU A 332 -3.31 -5.71 4.62
N HIS A 333 -3.84 -4.59 5.01
CA HIS A 333 -3.79 -4.13 6.37
C HIS A 333 -5.19 -3.76 6.82
N GLY A 334 -6.18 -3.71 5.92
CA GLY A 334 -7.54 -3.29 6.25
C GLY A 334 -8.53 -3.43 5.14
N GLU A 335 -9.82 -3.14 5.36
CA GLU A 335 -10.81 -3.27 4.27
C GLU A 335 -11.23 -1.90 3.72
N GLY A 336 -10.57 -0.84 4.11
CA GLY A 336 -10.82 0.44 3.45
C GLY A 336 -10.63 0.27 1.97
N TYR A 337 -11.55 0.83 1.19
CA TYR A 337 -11.51 0.78 -0.29
C TYR A 337 -11.41 -0.67 -0.78
N LYS A 338 -11.67 -1.59 0.14
CA LYS A 338 -11.78 -2.98 -0.17
C LYS A 338 -10.75 -3.63 -1.07
N GLY A 339 -9.48 -3.23 -0.94
CA GLY A 339 -8.38 -3.97 -1.54
C GLY A 339 -8.26 -3.61 -3.01
N HIS A 340 -9.12 -2.70 -3.47
CA HIS A 340 -9.05 -2.16 -4.80
C HIS A 340 -7.78 -1.36 -5.12
N VAL A 341 -7.39 -1.38 -6.40
CA VAL A 341 -6.15 -0.78 -6.80
C VAL A 341 -6.44 0.49 -7.54
N PHE A 342 -5.81 1.57 -7.10
CA PHE A 342 -6.04 2.89 -7.72
C PHE A 342 -4.75 3.40 -8.36
N TRP A 343 -4.85 4.56 -9.00
CA TRP A 343 -3.63 5.28 -9.37
C TRP A 343 -2.62 5.47 -8.21
N ASP A 344 -3.10 5.59 -6.97
CA ASP A 344 -2.21 5.48 -5.81
C ASP A 344 -0.99 4.57 -6.08
N THR A 345 -1.27 3.42 -6.64
CA THR A 345 -0.22 2.44 -6.75
C THR A 345 0.84 2.86 -7.78
N GLU A 346 0.38 3.29 -8.94
CA GLU A 346 1.28 3.55 -10.06
C GLU A 346 2.13 4.85 -9.82
N ILE A 347 1.49 5.85 -9.24
CA ILE A 347 2.04 7.15 -9.08
C ILE A 347 2.69 7.43 -7.74
N PHE A 348 2.18 6.89 -6.66
CA PHE A 348 2.72 7.17 -5.34
C PHE A 348 3.55 6.07 -4.79
N MET A 349 3.09 4.84 -4.99
CA MET A 349 3.77 3.70 -4.38
C MET A 349 4.90 3.21 -5.24
N LEU A 350 4.63 3.08 -6.54
CA LEU A 350 5.55 2.46 -7.48
C LEU A 350 7.02 3.01 -7.52
N PRO A 351 7.21 4.34 -7.46
CA PRO A 351 8.53 4.92 -7.38
C PRO A 351 9.39 4.29 -6.29
N PHE A 352 8.84 4.05 -5.11
CA PHE A 352 9.63 3.41 -4.10
C PHE A 352 10.18 2.09 -4.64
N TYR A 353 9.40 1.37 -5.44
CA TYR A 353 9.80 0.00 -5.79
C TYR A 353 10.74 0.06 -6.98
N ILE A 354 10.43 0.95 -7.91
CA ILE A 354 11.32 1.18 -9.04
C ILE A 354 12.74 1.45 -8.57
N TYR A 355 12.92 2.39 -7.65
CA TYR A 355 14.26 2.70 -7.20
C TYR A 355 14.74 1.77 -6.12
N THR A 356 13.83 1.10 -5.41
CA THR A 356 14.24 0.28 -4.25
C THR A 356 14.45 -1.17 -4.50
N ASN A 357 13.64 -1.73 -5.38
CA ASN A 357 13.60 -3.16 -5.59
C ASN A 357 12.76 -3.38 -6.84
N PRO A 358 13.32 -3.03 -7.99
CA PRO A 358 12.58 -2.85 -9.21
C PRO A 358 11.80 -4.06 -9.72
N ALA A 359 12.23 -5.29 -9.36
CA ALA A 359 11.42 -6.51 -9.65
C ALA A 359 9.93 -6.39 -9.21
N ALA A 360 9.73 -5.88 -7.97
CA ALA A 360 8.42 -5.57 -7.42
C ALA A 360 7.65 -4.68 -8.31
N ALA A 361 8.29 -3.63 -8.79
CA ALA A 361 7.56 -2.67 -9.63
C ALA A 361 7.17 -3.33 -10.95
N LYS A 362 8.03 -4.26 -11.40
CA LYS A 362 7.77 -4.97 -12.65
C LYS A 362 6.50 -5.80 -12.49
N ALA A 363 6.42 -6.53 -11.37
CA ALA A 363 5.23 -7.35 -11.10
C ALA A 363 3.95 -6.53 -11.01
N MET A 364 4.05 -5.38 -10.38
CA MET A 364 2.89 -4.53 -10.30
C MET A 364 2.46 -4.03 -11.63
N LEU A 365 3.38 -3.95 -12.60
CA LEU A 365 3.00 -3.45 -13.92
C LEU A 365 2.49 -4.59 -14.77
N MET A 366 2.98 -5.79 -14.45
CA MET A 366 2.41 -6.99 -15.00
C MET A 366 0.91 -7.15 -14.63
N TYR A 367 0.58 -6.71 -13.42
CA TYR A 367 -0.78 -6.76 -12.99
C TYR A 367 -1.57 -6.04 -14.01
N ARG A 368 -1.17 -4.85 -14.38
CA ARG A 368 -2.00 -4.06 -15.35
C ARG A 368 -1.95 -4.63 -16.77
N TYR A 369 -0.77 -5.14 -17.13
CA TYR A 369 -0.61 -5.67 -18.44
C TYR A 369 -1.61 -6.82 -18.58
N ASN A 370 -1.60 -7.73 -17.61
CA ASN A 370 -2.47 -8.89 -17.67
C ASN A 370 -3.95 -8.58 -17.72
N LEU A 371 -4.34 -7.35 -17.45
CA LEU A 371 -5.73 -6.93 -17.48
C LEU A 371 -5.98 -6.01 -18.65
N LEU A 372 -5.08 -6.00 -19.62
CA LEU A 372 -5.37 -5.23 -20.83
C LEU A 372 -6.71 -5.62 -21.47
N ASP A 373 -7.01 -6.91 -21.56
CA ASP A 373 -8.30 -7.28 -22.21
C ASP A 373 -9.50 -6.66 -21.56
N ALA A 374 -9.49 -6.67 -20.23
CA ALA A 374 -10.54 -6.02 -19.47
C ALA A 374 -10.58 -4.49 -19.66
N ALA A 375 -9.43 -3.86 -19.90
CA ALA A 375 -9.39 -2.41 -20.18
C ALA A 375 -9.88 -2.13 -21.60
N ARG A 376 -9.64 -3.04 -22.53
CA ARG A 376 -10.18 -2.84 -23.86
C ARG A 376 -11.67 -2.94 -23.75
N GLU A 377 -12.11 -3.93 -22.99
CA GLU A 377 -13.54 -4.27 -22.97
C GLU A 377 -14.23 -3.11 -22.33
N ASN A 378 -13.58 -2.56 -21.28
CA ASN A 378 -14.13 -1.38 -20.61
C ASN A 378 -14.30 -0.17 -21.55
N ALA A 379 -13.30 0.10 -22.40
CA ALA A 379 -13.45 1.19 -23.36
C ALA A 379 -14.59 0.95 -24.31
N ARG A 380 -14.62 -0.25 -24.90
CA ARG A 380 -15.71 -0.61 -25.86
C ARG A 380 -17.08 -0.32 -25.27
N LYS A 381 -17.32 -0.72 -24.03
CA LYS A 381 -18.64 -0.56 -23.42
C LYS A 381 -19.01 0.87 -23.10
N ASN A 382 -18.05 1.80 -23.13
CA ASN A 382 -18.40 3.22 -22.96
C ASN A 382 -18.44 3.97 -24.29
N GLY A 383 -18.02 3.32 -25.35
CA GLY A 383 -18.01 3.92 -26.67
C GLY A 383 -16.66 4.44 -27.07
N TYR A 384 -15.62 3.98 -26.41
CA TYR A 384 -14.29 4.45 -26.66
C TYR A 384 -13.48 3.36 -27.31
N LYS A 385 -12.22 3.71 -27.55
CA LYS A 385 -11.23 2.87 -28.18
C LYS A 385 -10.10 2.59 -27.24
N GLY A 386 -9.23 1.67 -27.58
CA GLY A 386 -8.05 1.41 -26.78
C GLY A 386 -8.32 0.73 -25.45
N ALA A 387 -7.36 0.86 -24.54
CA ALA A 387 -7.47 0.38 -23.18
C ALA A 387 -7.88 1.54 -22.27
N GLN A 388 -9.04 1.44 -21.64
CA GLN A 388 -9.45 2.42 -20.62
C GLN A 388 -9.39 1.72 -19.28
N PHE A 389 -8.32 1.89 -18.53
CA PHE A 389 -8.28 1.13 -17.31
C PHE A 389 -9.33 1.63 -16.29
N PRO A 390 -9.86 0.72 -15.45
CA PRO A 390 -10.85 1.20 -14.53
C PRO A 390 -10.22 2.06 -13.47
N TRP A 391 -11.03 2.94 -12.89
CA TRP A 391 -10.62 3.71 -11.74
C TRP A 391 -10.34 2.82 -10.50
N GLU A 392 -11.26 1.94 -10.13
CA GLU A 392 -10.95 0.94 -9.08
C GLU A 392 -10.84 -0.41 -9.74
N SER A 393 -9.78 -1.16 -9.42
CA SER A 393 -9.48 -2.45 -10.05
C SER A 393 -9.25 -3.53 -9.02
N ALA A 394 -9.77 -4.74 -9.28
CA ALA A 394 -9.60 -5.85 -8.35
C ALA A 394 -8.89 -7.07 -8.98
N ASP A 395 -9.61 -8.17 -9.26
CA ASP A 395 -8.93 -9.32 -9.86
C ASP A 395 -9.20 -9.43 -11.36
N THR A 396 -10.42 -9.07 -11.77
CA THR A 396 -10.85 -9.34 -13.13
C THR A 396 -10.48 -8.22 -14.02
N GLY A 397 -10.25 -7.04 -13.46
CA GLY A 397 -9.91 -5.85 -14.22
C GLY A 397 -11.12 -5.09 -14.73
N GLU A 398 -12.32 -5.46 -14.32
CA GLU A 398 -13.52 -4.70 -14.66
C GLU A 398 -13.57 -3.49 -13.73
N GLU A 399 -14.36 -2.46 -14.08
CA GLU A 399 -14.59 -1.33 -13.18
C GLU A 399 -15.24 -1.77 -11.86
N GLU A 400 -14.64 -1.48 -10.71
CA GLU A 400 -15.23 -1.84 -9.40
C GLU A 400 -15.59 -0.66 -8.44
N THR A 401 -15.75 0.53 -8.99
CA THR A 401 -16.03 1.70 -8.16
C THR A 401 -17.50 1.66 -7.78
N PRO A 402 -17.82 1.95 -6.53
CA PRO A 402 -19.19 2.06 -6.06
C PRO A 402 -19.97 3.12 -6.79
N LYS A 403 -21.23 2.88 -7.10
CA LYS A 403 -22.10 3.88 -7.69
C LYS A 403 -22.48 4.98 -6.71
N TRP A 404 -22.45 4.68 -5.42
CA TRP A 404 -22.74 5.66 -4.40
C TRP A 404 -22.17 5.30 -3.06
N GLY A 405 -22.13 6.30 -2.19
CA GLY A 405 -21.66 6.15 -0.82
C GLY A 405 -22.21 7.28 0.05
N TYR A 406 -21.52 7.54 1.15
CA TYR A 406 -21.90 8.58 2.09
C TYR A 406 -20.93 9.76 2.06
N ASP A 407 -21.44 10.98 1.87
CA ASP A 407 -20.62 12.21 1.92
C ASP A 407 -20.18 12.55 3.32
N TYR A 408 -19.53 13.70 3.48
CA TYR A 408 -18.94 14.12 4.78
C TYR A 408 -20.00 14.34 5.88
N LEU A 409 -21.24 14.60 5.50
CA LEU A 409 -22.41 14.73 6.43
C LEU A 409 -23.15 13.39 6.70
N GLY A 410 -22.52 12.29 6.34
CA GLY A 410 -23.12 10.98 6.49
C GLY A 410 -24.33 10.66 5.62
N ASN A 411 -24.62 11.48 4.59
CA ASN A 411 -25.75 11.21 3.65
C ASN A 411 -25.38 10.57 2.31
N PRO A 412 -26.33 9.83 1.72
CA PRO A 412 -26.10 9.23 0.40
C PRO A 412 -25.68 10.22 -0.69
N VAL A 413 -24.64 9.86 -1.43
CA VAL A 413 -24.19 10.68 -2.56
C VAL A 413 -23.77 9.79 -3.73
N ARG A 414 -24.15 10.20 -4.93
CA ARG A 414 -23.66 9.58 -6.16
C ARG A 414 -22.14 9.68 -6.30
N ILE A 415 -21.52 8.64 -6.82
CA ILE A 415 -20.10 8.64 -6.99
C ILE A 415 -19.88 8.52 -8.47
N TRP A 416 -19.21 9.49 -9.06
CA TRP A 416 -18.95 9.43 -10.47
C TRP A 416 -17.48 9.15 -10.81
N THR A 417 -16.64 8.86 -9.81
CA THR A 417 -15.22 8.69 -10.11
C THR A 417 -15.01 7.55 -11.12
N GLY A 418 -15.77 6.47 -10.95
CA GLY A 418 -15.72 5.31 -11.81
C GLY A 418 -16.23 5.60 -13.22
N ASP A 419 -16.92 6.71 -13.40
CA ASP A 419 -17.32 7.06 -14.75
C ASP A 419 -16.45 8.06 -15.48
N ILE A 420 -15.95 9.08 -14.78
CA ILE A 420 -15.31 10.19 -15.44
C ILE A 420 -13.97 10.67 -14.83
N GLU A 421 -13.40 9.93 -13.90
CA GLU A 421 -12.03 10.20 -13.48
C GLU A 421 -11.04 9.39 -14.36
N TYR A 422 -11.03 9.79 -15.62
CA TYR A 422 -10.27 9.12 -16.66
C TYR A 422 -8.73 9.09 -16.54
N HIS A 423 -8.14 10.00 -15.80
CA HIS A 423 -6.69 10.12 -15.86
C HIS A 423 -5.89 8.85 -15.54
N ILE A 424 -6.51 7.96 -14.80
CA ILE A 424 -5.94 6.66 -14.49
C ILE A 424 -5.18 6.03 -15.67
N SER A 425 -5.73 6.12 -16.88
CA SER A 425 -5.08 5.45 -18.02
C SER A 425 -3.69 6.06 -18.39
N ALA A 426 -3.62 7.39 -18.39
CA ALA A 426 -2.34 8.10 -18.48
C ALA A 426 -1.40 7.77 -17.34
N ASP A 427 -1.88 7.76 -16.11
CA ASP A 427 -0.99 7.53 -14.98
C ASP A 427 -0.29 6.19 -15.15
N ILE A 428 -1.01 5.18 -15.63
CA ILE A 428 -0.39 3.88 -15.80
C ILE A 428 0.70 3.93 -16.85
N ALA A 429 0.38 4.56 -17.99
CA ALA A 429 1.34 4.76 -19.10
C ALA A 429 2.58 5.40 -18.58
N TYR A 430 2.33 6.51 -17.92
CA TYR A 430 3.39 7.20 -17.25
C TYR A 430 4.23 6.29 -16.41
N ALA A 431 3.59 5.41 -15.65
CA ALA A 431 4.42 4.61 -14.72
C ALA A 431 5.24 3.58 -15.45
N VAL A 432 4.76 3.15 -16.61
CA VAL A 432 5.53 2.24 -17.45
C VAL A 432 6.80 2.97 -17.94
N MET A 433 6.64 4.14 -18.58
CA MET A 433 7.78 4.99 -18.86
C MET A 433 8.64 5.13 -17.59
N ASN A 434 8.02 5.49 -16.48
CA ASN A 434 8.85 5.75 -15.34
C ASN A 434 9.65 4.54 -14.91
N TYR A 435 9.08 3.35 -14.92
CA TYR A 435 9.83 2.14 -14.51
C TYR A 435 11.00 1.95 -15.46
N VAL A 436 10.71 2.07 -16.74
CA VAL A 436 11.67 1.71 -17.78
C VAL A 436 12.91 2.63 -17.78
N ARG A 437 12.64 3.92 -17.70
CA ARG A 437 13.69 4.87 -17.66
C ARG A 437 14.62 4.59 -16.47
N ALA A 438 14.13 4.31 -15.28
CA ALA A 438 15.08 4.00 -14.21
C ALA A 438 15.80 2.71 -14.40
N THR A 439 15.18 1.73 -15.03
CA THR A 439 15.73 0.36 -14.99
C THR A 439 16.52 0.04 -16.24
N ASP A 440 16.18 0.76 -17.31
CA ASP A 440 16.66 0.37 -18.63
C ASP A 440 16.27 -1.09 -18.94
N ASP A 441 15.04 -1.48 -18.54
CA ASP A 441 14.55 -2.83 -18.79
C ASP A 441 13.86 -2.80 -20.16
N ILE A 442 14.70 -2.89 -21.17
CA ILE A 442 14.29 -2.68 -22.53
C ILE A 442 13.39 -3.85 -22.95
N ASP A 443 13.78 -5.05 -22.57
CA ASP A 443 12.96 -6.24 -22.85
C ASP A 443 11.50 -6.02 -22.43
N PHE A 444 11.33 -5.55 -21.18
CA PHE A 444 10.02 -5.24 -20.68
C PHE A 444 9.36 -4.21 -21.57
N LEU A 445 10.11 -3.21 -21.96
CA LEU A 445 9.54 -2.16 -22.77
C LEU A 445 9.00 -2.75 -24.04
N LEU A 446 9.71 -3.70 -24.62
CA LEU A 446 9.37 -4.19 -25.95
C LEU A 446 8.22 -5.19 -25.95
N ASN A 447 8.30 -6.16 -25.07
CA ASN A 447 7.26 -7.16 -24.97
C ASN A 447 5.93 -6.76 -24.31
N TYR A 448 5.96 -5.79 -23.40
CA TYR A 448 4.79 -5.43 -22.58
C TYR A 448 4.47 -3.94 -22.49
N GLY A 449 5.50 -3.18 -22.12
CA GLY A 449 5.40 -1.78 -21.86
C GLY A 449 4.76 -1.03 -22.95
N SER A 450 5.24 -1.21 -24.16
CA SER A 450 4.78 -0.32 -25.23
C SER A 450 3.32 -0.55 -25.62
N GLU A 451 2.86 -1.80 -25.60
CA GLU A 451 1.41 -2.16 -25.76
C GLU A 451 0.53 -1.32 -24.85
N ILE A 452 0.96 -1.17 -23.60
CA ILE A 452 0.19 -0.42 -22.62
C ILE A 452 0.12 1.05 -22.98
N ILE A 453 1.28 1.65 -23.20
CA ILE A 453 1.31 3.07 -23.57
C ILE A 453 0.53 3.36 -24.89
N ILE A 454 0.63 2.42 -25.82
CA ILE A 454 -0.07 2.58 -27.05
C ILE A 454 -1.58 2.43 -26.92
N GLU A 455 -2.01 1.44 -26.15
CA GLU A 455 -3.42 1.19 -26.04
C GLU A 455 -4.12 2.30 -25.25
N THR A 456 -3.44 2.88 -24.27
CA THR A 456 -4.03 4.03 -23.58
C THR A 456 -4.08 5.26 -24.47
N ALA A 457 -3.01 5.50 -25.22
CA ALA A 457 -3.01 6.58 -26.21
C ALA A 457 -4.21 6.45 -27.15
N ARG A 458 -4.50 5.23 -27.60
CA ARG A 458 -5.66 5.03 -28.49
C ARG A 458 -6.97 5.47 -27.84
N PHE A 459 -7.02 5.33 -26.53
CA PHE A 459 -8.17 5.77 -25.77
C PHE A 459 -8.27 7.28 -25.64
N TRP A 460 -7.15 7.92 -25.29
CA TRP A 460 -7.16 9.40 -25.20
C TRP A 460 -7.53 10.07 -26.54
N ALA A 461 -7.05 9.46 -27.62
CA ALA A 461 -7.39 9.89 -28.95
C ALA A 461 -8.88 9.81 -29.15
N SER A 462 -9.49 8.75 -28.61
CA SER A 462 -10.91 8.52 -28.80
C SER A 462 -11.79 9.51 -28.01
N ILE A 463 -11.31 9.97 -26.85
CA ILE A 463 -12.11 10.85 -26.02
C ILE A 463 -11.86 12.33 -26.20
N CYS A 464 -10.70 12.71 -26.72
CA CYS A 464 -10.43 14.13 -27.10
C CYS A 464 -11.46 14.67 -28.10
N LYS A 465 -12.15 15.77 -27.82
CA LYS A 465 -13.14 16.30 -28.77
C LYS A 465 -12.78 17.67 -29.31
N TYR A 466 -12.82 17.77 -30.64
CA TYR A 466 -12.38 18.99 -31.33
C TYR A 466 -13.33 20.16 -31.18
N ASN A 467 -12.78 21.34 -30.89
CA ASN A 467 -13.57 22.57 -30.84
C ASN A 467 -13.14 23.67 -31.85
N LYS A 468 -13.94 23.87 -32.92
CA LYS A 468 -13.68 24.91 -33.99
C LYS A 468 -13.58 26.35 -33.46
N GLU A 469 -14.57 26.81 -32.71
CA GLU A 469 -14.41 28.05 -31.92
C GLU A 469 -12.96 28.32 -31.40
N LYS A 470 -12.53 27.66 -30.32
CA LYS A 470 -11.16 27.85 -29.85
C LYS A 470 -10.11 27.07 -30.68
N GLY A 471 -10.52 26.32 -31.71
CA GLY A 471 -9.57 25.57 -32.55
C GLY A 471 -8.60 24.71 -31.75
N ARG A 472 -9.13 23.88 -30.85
CA ARG A 472 -8.31 23.04 -29.95
C ARG A 472 -9.12 21.80 -29.58
N TYR A 473 -8.46 20.67 -29.38
CA TYR A 473 -9.10 19.50 -28.77
C TYR A 473 -9.32 19.76 -27.29
N GLU A 474 -10.50 19.40 -26.81
CA GLU A 474 -10.81 19.39 -25.38
C GLU A 474 -11.17 17.99 -24.85
N ILE A 475 -11.10 17.85 -23.54
CA ILE A 475 -11.58 16.68 -22.83
C ILE A 475 -12.54 17.22 -21.76
N ASN A 476 -13.85 17.01 -21.95
CA ASN A 476 -14.86 17.62 -21.09
C ASN A 476 -15.62 16.67 -20.25
N ASP A 477 -16.22 17.19 -19.19
CA ASP A 477 -17.04 16.34 -18.32
C ASP A 477 -16.18 15.25 -17.69
N VAL A 478 -15.45 15.69 -16.68
CA VAL A 478 -14.31 14.97 -16.15
C VAL A 478 -14.18 15.15 -14.62
N ILE A 479 -13.39 14.28 -14.02
CA ILE A 479 -12.91 14.53 -12.70
C ILE A 479 -11.42 14.35 -12.75
N GLY A 480 -10.73 15.38 -12.24
CA GLY A 480 -9.25 15.39 -12.10
C GLY A 480 -8.87 14.95 -10.70
N PRO A 481 -7.57 14.98 -10.37
CA PRO A 481 -7.12 14.54 -9.03
C PRO A 481 -7.89 15.08 -7.85
N ASP A 482 -8.44 16.28 -8.01
CA ASP A 482 -9.27 16.92 -6.98
C ASP A 482 -10.74 16.48 -7.06
N GLU A 483 -11.03 15.36 -6.39
CA GLU A 483 -12.34 14.72 -6.38
C GLU A 483 -13.42 15.71 -5.93
N PHE A 484 -13.07 16.83 -5.30
CA PHE A 484 -14.12 17.80 -4.93
C PHE A 484 -14.94 18.36 -6.06
N HIS A 485 -14.38 18.43 -7.27
CA HIS A 485 -15.08 19.08 -8.41
C HIS A 485 -15.40 18.10 -9.53
N GLU A 486 -16.66 18.02 -9.88
CA GLU A 486 -17.15 16.99 -10.75
C GLU A 486 -17.69 17.57 -12.02
N HIS A 487 -17.64 16.80 -13.11
CA HIS A 487 -18.17 17.25 -14.44
C HIS A 487 -17.49 18.54 -14.91
N CYS A 488 -16.16 18.58 -14.90
CA CYS A 488 -15.52 19.73 -15.44
C CYS A 488 -14.85 19.54 -16.78
N ASN A 489 -14.57 20.70 -17.36
CA ASN A 489 -13.94 20.83 -18.65
C ASN A 489 -12.45 21.23 -18.57
N ASN A 490 -11.69 20.53 -19.37
CA ASN A 490 -10.27 20.79 -19.51
C ASN A 490 -9.61 20.92 -18.19
N ASN A 491 -9.71 19.86 -17.40
CA ASN A 491 -8.91 19.75 -16.20
C ASN A 491 -7.50 19.80 -16.75
N ALA A 492 -6.72 20.77 -16.25
CA ALA A 492 -5.34 20.91 -16.65
C ALA A 492 -4.54 19.59 -16.57
N TYR A 493 -4.46 18.98 -15.38
CA TYR A 493 -3.74 17.68 -15.19
C TYR A 493 -4.13 16.67 -16.24
N THR A 494 -5.41 16.60 -16.54
CA THR A 494 -5.90 15.60 -17.44
C THR A 494 -5.34 15.89 -18.85
N ASN A 495 -5.43 17.14 -19.28
CA ASN A 495 -5.00 17.41 -20.64
C ASN A 495 -3.45 17.23 -20.85
N TYR A 496 -2.65 17.71 -19.91
CA TYR A 496 -1.24 17.57 -20.11
C TYR A 496 -0.97 16.06 -20.14
N LEU A 497 -1.52 15.33 -19.15
CA LEU A 497 -1.27 13.90 -19.12
C LEU A 497 -1.74 13.17 -20.39
N ALA A 498 -2.91 13.56 -20.91
CA ALA A 498 -3.28 12.99 -22.19
C ALA A 498 -2.26 13.32 -23.25
N LYS A 499 -1.86 14.60 -23.36
CA LYS A 499 -0.87 15.03 -24.37
C LYS A 499 0.37 14.18 -24.24
N TRP A 500 0.83 14.10 -23.02
CA TRP A 500 2.01 13.33 -22.78
C TRP A 500 1.90 11.89 -23.28
N ASN A 501 0.74 11.26 -23.07
CA ASN A 501 0.56 9.86 -23.38
C ASN A 501 0.45 9.72 -24.88
N LEU A 502 -0.27 10.63 -25.53
CA LEU A 502 -0.29 10.54 -26.99
C LEU A 502 1.13 10.65 -27.58
N LEU A 503 1.94 11.60 -27.06
CA LEU A 503 3.29 11.81 -27.56
C LEU A 503 4.19 10.64 -27.30
N LYS A 504 4.18 10.12 -26.07
CA LYS A 504 5.15 9.08 -25.77
C LYS A 504 4.90 7.95 -26.72
N ALA A 505 3.63 7.73 -27.04
CA ALA A 505 3.22 6.59 -27.82
C ALA A 505 3.70 6.72 -29.24
N SER A 506 3.55 7.91 -29.84
CA SER A 506 4.08 8.12 -31.22
C SER A 506 5.58 8.02 -31.19
N GLU A 507 6.20 8.53 -30.15
CA GLU A 507 7.63 8.42 -30.09
C GLU A 507 8.08 6.98 -29.91
N LEU A 508 7.29 6.19 -29.23
CA LEU A 508 7.64 4.82 -29.01
C LEU A 508 7.55 4.05 -30.31
N CYS A 509 6.47 4.26 -31.06
CA CYS A 509 6.38 3.67 -32.38
C CYS A 509 7.60 3.96 -33.25
N ASN A 510 8.07 5.20 -33.25
CA ASN A 510 9.29 5.54 -33.99
C ASN A 510 10.45 4.78 -33.48
N LEU A 511 10.71 4.83 -32.19
CA LEU A 511 11.84 4.06 -31.68
C LEU A 511 11.76 2.63 -32.19
N LEU A 512 10.58 2.06 -32.17
CA LEU A 512 10.55 0.65 -32.43
C LEU A 512 10.68 0.37 -33.92
N LEU A 513 10.06 1.22 -34.74
CA LEU A 513 10.15 1.05 -36.19
C LEU A 513 11.61 1.09 -36.63
N GLU A 514 12.34 2.11 -36.19
CA GLU A 514 13.74 2.34 -36.54
C GLU A 514 14.56 1.35 -35.78
N LYS A 515 14.68 1.48 -34.48
CA LYS A 515 15.66 0.69 -33.75
C LYS A 515 15.26 -0.77 -33.44
N TYR A 516 13.99 -1.14 -33.55
CA TYR A 516 13.61 -2.51 -33.14
C TYR A 516 12.57 -3.20 -34.02
N PRO A 517 12.80 -3.19 -35.32
CA PRO A 517 11.73 -3.53 -36.29
C PRO A 517 11.05 -4.91 -36.15
N LYS A 518 11.71 -5.92 -35.56
CA LYS A 518 11.10 -7.25 -35.38
C LYS A 518 10.04 -7.16 -34.30
N TYR A 519 10.40 -6.47 -33.23
CA TYR A 519 9.48 -6.19 -32.14
C TYR A 519 8.31 -5.31 -32.59
N PHE A 520 8.57 -4.31 -33.41
CA PHE A 520 7.47 -3.45 -33.88
C PHE A 520 6.48 -4.32 -34.68
N GLU A 521 6.97 -5.32 -35.41
CA GLU A 521 6.05 -6.12 -36.22
C GLU A 521 5.39 -7.16 -35.32
N LYS A 522 6.11 -7.73 -34.36
CA LYS A 522 5.44 -8.65 -33.41
C LYS A 522 4.23 -7.95 -32.83
N LEU A 523 4.46 -6.71 -32.41
CA LEU A 523 3.45 -5.92 -31.78
C LEU A 523 2.36 -5.50 -32.73
N SER A 524 2.71 -5.23 -33.98
CA SER A 524 1.75 -4.69 -34.92
C SER A 524 0.75 -5.75 -35.34
N LYS A 525 1.20 -6.99 -35.44
CA LYS A 525 0.28 -8.09 -35.71
C LYS A 525 -0.68 -8.23 -34.54
N LYS A 526 -0.14 -8.02 -33.34
CA LYS A 526 -0.85 -8.27 -32.11
C LYS A 526 -1.97 -7.27 -31.85
N ILE A 527 -1.68 -5.97 -31.91
CA ILE A 527 -2.72 -4.97 -31.66
C ILE A 527 -3.10 -4.14 -32.87
N ASN A 528 -2.88 -4.71 -34.07
CA ASN A 528 -3.25 -4.04 -35.32
C ASN A 528 -2.75 -2.60 -35.39
N LEU A 529 -1.45 -2.45 -35.21
CA LEU A 529 -0.89 -1.11 -35.20
C LEU A 529 -0.41 -0.74 -36.58
N SER A 530 -0.95 0.34 -37.11
CA SER A 530 -0.50 0.86 -38.39
C SER A 530 0.41 2.07 -38.19
N ASP A 531 1.48 2.22 -38.97
CA ASP A 531 2.33 3.45 -38.83
C ASP A 531 1.74 4.76 -39.39
N GLU A 532 0.46 4.74 -39.78
CA GLU A 532 -0.32 5.96 -39.92
C GLU A 532 -0.90 6.48 -38.61
N GLU A 533 -1.08 5.60 -37.64
CA GLU A 533 -1.76 5.99 -36.41
C GLU A 533 -1.02 7.12 -35.69
N PRO A 534 0.27 6.92 -35.41
CA PRO A 534 1.04 7.89 -34.64
C PRO A 534 0.90 9.30 -35.13
N PHE A 535 0.72 9.50 -36.44
CA PHE A 535 0.50 10.85 -36.99
C PHE A 535 -0.74 11.43 -36.39
N VAL A 536 -1.81 10.61 -36.33
CA VAL A 536 -3.06 11.00 -35.67
C VAL A 536 -2.81 11.46 -34.23
N TRP A 537 -2.01 10.71 -33.46
CA TRP A 537 -1.84 11.08 -32.06
C TRP A 537 -1.09 12.40 -31.95
N GLN A 538 -0.26 12.71 -32.95
CA GLN A 538 0.61 13.89 -32.93
C GLN A 538 -0.20 15.12 -33.26
N GLU A 539 -1.08 14.89 -34.24
CA GLU A 539 -1.98 15.90 -34.71
C GLU A 539 -2.74 16.29 -33.47
N ILE A 540 -3.31 15.30 -32.79
CA ILE A 540 -4.14 15.60 -31.64
C ILE A 540 -3.35 16.27 -30.50
N ALA A 541 -2.21 15.68 -30.17
CA ALA A 541 -1.44 16.20 -29.06
C ALA A 541 -1.10 17.65 -29.25
N SER A 542 -0.76 18.04 -30.47
CA SER A 542 -0.31 19.41 -30.74
C SER A 542 -1.42 20.43 -30.63
N LYS A 543 -2.66 20.01 -30.77
CA LYS A 543 -3.80 20.87 -30.55
C LYS A 543 -4.54 20.71 -29.22
N ILE A 544 -4.16 19.76 -28.38
CA ILE A 544 -4.93 19.61 -27.15
C ILE A 544 -4.90 20.94 -26.44
N TYR A 545 -6.06 21.45 -26.09
CA TYR A 545 -6.18 22.68 -25.27
C TYR A 545 -5.43 22.64 -23.97
N ILE A 546 -4.23 23.17 -24.01
CA ILE A 546 -3.55 23.62 -22.83
C ILE A 546 -3.94 25.07 -22.58
N PRO A 547 -4.26 25.39 -21.32
CA PRO A 547 -4.42 26.79 -20.93
C PRO A 547 -3.15 27.28 -20.22
N TYR A 548 -2.66 28.48 -20.58
CA TYR A 548 -1.47 29.07 -19.88
C TYR A 548 -1.79 29.94 -18.61
N HIS A 549 -1.97 31.28 -18.63
CA HIS A 549 -1.99 32.21 -19.78
C HIS A 549 -0.62 32.93 -19.80
N PRO A 550 -0.03 33.12 -21.02
CA PRO A 550 1.39 33.51 -21.25
C PRO A 550 2.04 34.37 -20.14
N ASP A 551 1.37 35.46 -19.77
CA ASP A 551 1.69 36.13 -18.53
C ASP A 551 0.43 36.34 -17.71
N LYS A 552 0.70 36.48 -16.41
CA LYS A 552 -0.14 36.11 -15.27
C LYS A 552 0.41 34.75 -14.73
N LYS A 553 0.72 33.80 -15.64
CA LYS A 553 1.49 32.53 -15.35
C LYS A 553 0.77 31.39 -14.59
N LEU A 554 -0.52 31.57 -14.37
CA LEU A 554 -1.27 30.82 -13.41
C LEU A 554 -2.17 29.85 -14.19
N ILE A 555 -2.00 28.56 -13.89
CA ILE A 555 -2.76 27.45 -14.48
C ILE A 555 -4.10 27.25 -13.74
N GLU A 556 -5.18 27.58 -14.42
CA GLU A 556 -6.53 27.30 -13.97
C GLU A 556 -6.65 25.77 -13.87
N GLN A 557 -7.09 25.28 -12.72
CA GLN A 557 -7.24 23.85 -12.51
C GLN A 557 -8.22 23.25 -13.51
N PHE A 558 -9.27 24.00 -13.81
CA PHE A 558 -10.19 23.62 -14.89
C PHE A 558 -11.06 24.83 -15.28
N GLU A 559 -11.51 24.81 -16.52
CA GLU A 559 -12.25 25.90 -17.11
C GLU A 559 -13.41 26.29 -16.20
N GLY A 560 -13.33 27.49 -15.65
CA GLY A 560 -14.38 28.04 -14.83
C GLY A 560 -14.05 28.07 -13.35
N TYR A 561 -12.89 27.51 -12.99
CA TYR A 561 -12.54 27.29 -11.59
C TYR A 561 -12.43 28.60 -10.87
N PHE A 562 -11.75 29.55 -11.53
CA PHE A 562 -11.53 30.91 -10.97
C PHE A 562 -12.82 31.69 -10.71
N ASN A 563 -13.90 31.43 -11.45
CA ASN A 563 -15.20 32.03 -11.11
C ASN A 563 -15.84 31.42 -9.87
N LEU A 564 -15.14 30.58 -9.10
CA LEU A 564 -15.80 29.93 -7.95
C LEU A 564 -15.50 30.63 -6.63
N LYS A 565 -16.47 30.62 -5.72
CA LYS A 565 -16.32 31.30 -4.41
C LYS A 565 -15.03 30.88 -3.76
N ASP A 566 -14.32 31.85 -3.18
CA ASP A 566 -12.95 31.64 -2.71
C ASP A 566 -12.90 31.61 -1.17
N PHE A 567 -12.06 30.74 -0.61
CA PHE A 567 -11.91 30.65 0.84
C PHE A 567 -10.46 30.53 1.20
N VAL A 568 -10.22 30.77 2.48
CA VAL A 568 -8.91 31.07 3.05
C VAL A 568 -8.73 30.03 4.13
N ILE A 569 -7.69 29.19 4.07
CA ILE A 569 -7.58 28.16 5.10
C ILE A 569 -7.62 28.75 6.53
N LYS A 570 -6.52 29.23 7.12
CA LYS A 570 -6.59 29.69 8.55
C LYS A 570 -7.12 28.57 9.51
N GLU A 571 -6.49 28.37 10.65
CA GLU A 571 -6.90 27.30 11.60
C GLU A 571 -6.58 25.83 11.23
N TYR A 572 -5.84 25.19 12.13
CA TYR A 572 -5.32 23.87 11.93
C TYR A 572 -5.73 23.08 13.13
N ASP A 573 -5.85 21.77 13.01
CA ASP A 573 -6.30 20.96 14.15
C ASP A 573 -5.09 20.51 14.95
N GLN A 574 -5.30 19.63 15.90
CA GLN A 574 -4.21 19.25 16.78
C GLN A 574 -3.13 18.45 16.03
N ASN A 575 -3.40 18.01 14.79
CA ASN A 575 -2.43 17.22 14.03
C ASN A 575 -1.88 18.06 12.92
N ASN A 576 -2.15 19.35 13.06
CA ASN A 576 -1.67 20.33 12.18
C ASN A 576 -2.29 20.15 10.79
N MET A 577 -3.57 19.80 10.75
CA MET A 577 -4.30 19.52 9.50
C MET A 577 -5.39 20.58 9.32
N PRO A 578 -5.59 21.03 8.10
CA PRO A 578 -6.53 22.10 7.85
C PRO A 578 -7.89 21.86 8.45
N VAL A 579 -8.55 22.93 8.91
CA VAL A 579 -9.91 22.85 9.42
C VAL A 579 -10.81 23.56 8.44
N TRP A 580 -12.02 23.09 8.27
CA TRP A 580 -12.90 23.70 7.27
C TRP A 580 -13.17 25.15 7.59
N PRO A 581 -12.81 26.07 6.68
CA PRO A 581 -13.21 27.46 6.81
C PRO A 581 -14.66 27.57 7.21
N GLU A 582 -15.06 28.66 7.85
CA GLU A 582 -16.47 28.79 8.23
C GLU A 582 -17.32 29.13 7.02
N GLY A 583 -18.57 28.68 7.02
CA GLY A 583 -19.46 28.99 5.92
C GLY A 583 -19.34 28.06 4.71
N VAL A 584 -18.45 27.08 4.77
CA VAL A 584 -18.29 26.08 3.73
C VAL A 584 -19.28 24.96 4.04
N GLU A 585 -20.24 24.68 3.15
CA GLU A 585 -21.18 23.54 3.33
C GLU A 585 -20.57 22.28 2.68
N LEU A 586 -20.28 21.26 3.49
CA LEU A 586 -19.51 20.08 3.06
C LEU A 586 -20.10 19.24 1.89
N ASP A 587 -21.33 19.51 1.51
CA ASP A 587 -21.91 18.86 0.35
C ASP A 587 -22.11 19.85 -0.80
N LYS A 588 -21.36 20.94 -0.81
CA LYS A 588 -21.47 21.96 -1.89
C LYS A 588 -20.10 22.37 -2.33
N LEU A 589 -19.16 21.45 -2.18
CA LEU A 589 -17.75 21.70 -2.46
C LEU A 589 -17.50 22.05 -3.94
N ASN A 590 -18.40 21.61 -4.81
CA ASN A 590 -18.35 22.04 -6.16
C ASN A 590 -18.30 23.54 -6.35
N ASN A 591 -18.99 24.29 -5.48
CA ASN A 591 -19.08 25.74 -5.62
C ASN A 591 -17.89 26.58 -5.21
N TYR A 592 -16.95 25.99 -4.47
CA TYR A 592 -15.86 26.76 -3.83
C TYR A 592 -14.49 26.47 -4.53
N GLN A 593 -13.43 27.19 -4.17
CA GLN A 593 -12.12 26.96 -4.78
C GLN A 593 -11.20 26.10 -3.93
N LEU A 594 -11.71 25.61 -2.82
CA LEU A 594 -10.93 24.71 -2.00
C LEU A 594 -10.78 23.37 -2.73
N ILE A 595 -9.57 22.81 -2.67
CA ILE A 595 -9.27 21.54 -3.33
C ILE A 595 -8.85 20.46 -2.33
N LYS A 596 -9.15 19.21 -2.71
CA LYS A 596 -9.04 18.06 -1.81
C LYS A 596 -7.63 17.63 -1.60
N GLN A 597 -6.84 17.80 -2.67
CA GLN A 597 -5.44 17.36 -2.80
C GLN A 597 -4.69 17.93 -4.05
N ALA A 598 -3.41 17.61 -4.19
CA ALA A 598 -2.64 18.12 -5.33
C ALA A 598 -3.33 17.77 -6.60
N ASP A 599 -3.50 18.75 -7.47
CA ASP A 599 -4.06 18.54 -8.81
C ASP A 599 -3.18 19.31 -9.84
N VAL A 600 -3.38 20.61 -10.05
CA VAL A 600 -2.36 21.39 -10.78
C VAL A 600 -0.94 21.15 -10.21
N VAL A 601 -0.80 21.17 -8.89
CA VAL A 601 0.53 20.94 -8.35
C VAL A 601 0.96 19.56 -8.68
N MET A 602 0.03 18.60 -8.70
CA MET A 602 0.37 17.21 -9.14
C MET A 602 1.00 17.23 -10.52
N LEU A 603 0.42 18.03 -11.39
CA LEU A 603 0.95 18.19 -12.73
C LEU A 603 2.39 18.71 -12.79
N LEU A 604 2.69 19.65 -11.91
CA LEU A 604 4.02 20.23 -11.85
C LEU A 604 5.07 19.25 -11.42
N TYR A 605 4.67 18.29 -10.59
CA TYR A 605 5.59 17.29 -10.11
C TYR A 605 5.92 16.26 -11.19
N LEU A 606 4.93 15.84 -11.95
CA LEU A 606 5.18 14.71 -12.83
C LEU A 606 5.68 15.18 -14.18
N LEU A 607 5.39 16.43 -14.53
CA LEU A 607 5.84 16.98 -15.79
C LEU A 607 6.66 18.24 -15.52
N GLY A 608 7.58 18.09 -14.56
CA GLY A 608 8.52 19.13 -14.15
C GLY A 608 9.18 19.91 -15.28
N GLU A 609 9.92 19.22 -16.15
CA GLU A 609 10.37 19.69 -17.48
C GLU A 609 9.39 20.50 -18.40
N GLU A 610 8.37 21.16 -17.92
CA GLU A 610 7.51 21.88 -18.85
C GLU A 610 7.06 23.19 -18.32
N PHE A 611 7.60 23.48 -17.15
CA PHE A 611 7.19 24.61 -16.37
C PHE A 611 8.48 25.13 -15.77
N ASP A 612 8.61 26.45 -15.66
CA ASP A 612 9.84 27.05 -15.19
C ASP A 612 9.67 27.39 -13.72
N ASP A 613 10.79 27.62 -13.06
CA ASP A 613 10.78 27.89 -11.62
C ASP A 613 9.71 28.89 -11.16
N GLN A 614 9.35 29.82 -12.02
CA GLN A 614 8.42 30.88 -11.64
C GLN A 614 6.95 30.40 -11.71
N THR A 615 6.60 29.71 -12.79
CA THR A 615 5.24 29.16 -12.96
C THR A 615 4.93 28.12 -11.82
N LYS A 616 5.89 27.27 -11.54
CA LYS A 616 5.84 26.38 -10.41
C LYS A 616 5.50 27.06 -9.09
N LYS A 617 6.23 28.14 -8.79
CA LYS A 617 6.12 28.86 -7.52
C LYS A 617 4.80 29.64 -7.48
N ILE A 618 4.46 30.29 -8.59
CA ILE A 618 3.19 31.00 -8.63
C ILE A 618 2.08 30.02 -8.38
N ASN A 619 1.92 28.98 -9.20
CA ASN A 619 0.87 27.95 -8.96
C ASN A 619 1.01 27.22 -7.60
N TYR A 620 2.21 26.80 -7.22
CA TYR A 620 2.31 26.23 -5.88
C TYR A 620 1.68 27.18 -4.81
N ASP A 621 2.07 28.46 -4.82
CA ASP A 621 1.54 29.39 -3.81
C ASP A 621 0.03 29.54 -3.85
N TYR A 622 -0.52 29.63 -5.06
CA TYR A 622 -1.97 29.84 -5.19
C TYR A 622 -2.78 28.66 -4.64
N TYR A 623 -2.28 27.44 -4.86
CA TYR A 623 -3.06 26.24 -4.57
C TYR A 623 -2.84 25.69 -3.18
N GLU A 624 -1.62 25.80 -2.65
CA GLU A 624 -1.37 25.41 -1.26
C GLU A 624 -2.25 26.22 -0.30
N LYS A 625 -2.23 27.56 -0.38
CA LYS A 625 -3.23 28.50 0.24
C LYS A 625 -4.58 27.72 0.33
N ARG A 626 -4.98 26.97 -0.73
CA ARG A 626 -6.35 26.42 -0.91
C ARG A 626 -6.55 24.87 -0.84
N THR A 627 -5.59 24.13 -0.32
CA THR A 627 -5.67 22.69 -0.31
C THR A 627 -6.02 22.25 1.10
N MET A 628 -7.08 21.44 1.20
CA MET A 628 -7.62 20.99 2.48
C MET A 628 -6.98 19.72 3.00
N HIS A 629 -6.20 19.06 2.13
CA HIS A 629 -5.50 17.88 2.49
C HIS A 629 -6.48 16.83 2.99
N LYS A 630 -7.63 16.74 2.32
CA LYS A 630 -8.62 15.75 2.67
C LYS A 630 -8.42 14.36 2.01
N SER A 631 -7.33 14.20 1.25
CA SER A 631 -6.72 12.88 1.00
C SER A 631 -5.33 12.79 1.59
N SER A 632 -4.95 11.59 1.99
CA SER A 632 -3.60 11.34 2.49
C SER A 632 -2.55 11.40 1.38
N LEU A 633 -3.04 11.49 0.15
CA LEU A 633 -2.16 11.66 -1.00
C LEU A 633 -1.55 13.06 -1.05
N SER A 634 -2.11 14.02 -0.31
CA SER A 634 -1.83 15.40 -0.60
C SER A 634 -0.52 15.93 0.03
N PRO A 635 -0.39 15.85 1.34
CA PRO A 635 0.79 16.46 1.92
C PRO A 635 2.08 16.20 1.18
N SER A 636 2.34 14.93 0.80
CA SER A 636 3.63 14.53 0.23
C SER A 636 3.87 15.33 -1.04
N ILE A 637 2.85 15.47 -1.88
CA ILE A 637 3.10 16.19 -3.12
C ILE A 637 3.45 17.63 -2.81
N TYR A 638 2.73 18.25 -1.88
CA TYR A 638 3.08 19.60 -1.39
C TYR A 638 4.40 19.69 -0.61
N ALA A 639 4.88 18.63 0.01
CA ALA A 639 6.23 18.68 0.59
C ALA A 639 7.30 18.71 -0.48
N LEU A 640 7.04 18.02 -1.56
CA LEU A 640 8.05 17.75 -2.54
C LEU A 640 8.15 18.98 -3.46
N MET A 641 7.01 19.49 -3.91
CA MET A 641 7.02 20.70 -4.69
C MET A 641 7.40 21.90 -3.83
N GLY A 642 7.13 21.87 -2.53
CA GLY A 642 7.62 22.90 -1.62
C GLY A 642 9.10 23.15 -1.77
N VAL A 643 9.90 22.12 -1.44
CA VAL A 643 11.34 22.20 -1.61
C VAL A 643 11.71 22.70 -3.00
N ARG A 644 10.97 22.26 -4.01
CA ARG A 644 11.37 22.55 -5.37
C ARG A 644 11.09 23.98 -5.83
N VAL A 645 10.19 24.66 -5.17
CA VAL A 645 10.04 26.08 -5.40
C VAL A 645 10.79 26.86 -4.30
N GLY A 646 11.52 26.14 -3.48
CA GLY A 646 12.26 26.79 -2.44
C GLY A 646 11.49 27.26 -1.23
N GLU A 647 10.26 26.84 -1.02
CA GLU A 647 9.62 27.12 0.28
C GLU A 647 9.82 26.04 1.31
N THR A 648 11.04 25.91 1.83
CA THR A 648 11.37 24.84 2.81
C THR A 648 10.60 24.71 4.18
N ASN A 649 9.81 25.70 4.56
CA ASN A 649 8.98 25.54 5.76
C ASN A 649 7.73 24.79 5.41
N ARG A 650 6.94 25.36 4.51
CA ARG A 650 5.79 24.66 3.95
C ARG A 650 6.15 23.17 3.72
N ALA A 651 7.35 22.94 3.20
CA ALA A 651 7.83 21.62 2.92
C ALA A 651 7.94 20.74 4.17
N TYR A 652 8.68 21.17 5.18
CA TYR A 652 8.83 20.34 6.37
C TYR A 652 7.48 20.11 7.10
N ILE A 653 6.63 21.14 7.13
CA ILE A 653 5.30 21.00 7.69
C ILE A 653 4.59 19.84 6.97
N ASN A 654 4.47 19.97 5.65
CA ASN A 654 3.84 18.96 4.83
C ASN A 654 4.54 17.58 4.89
N PHE A 655 5.86 17.52 4.86
CA PHE A 655 6.45 16.24 5.10
C PHE A 655 5.98 15.55 6.42
N MET A 656 5.90 16.30 7.51
CA MET A 656 5.58 15.70 8.78
C MET A 656 4.09 15.23 8.75
N ARG A 657 3.26 15.95 8.03
CA ARG A 657 1.97 15.39 7.70
C ARG A 657 2.02 13.99 7.01
N THR A 658 2.70 13.78 5.86
CA THR A 658 2.63 12.43 5.23
C THR A 658 3.27 11.42 6.08
N ALA A 659 4.24 11.79 6.88
CA ALA A 659 5.02 10.75 7.56
C ALA A 659 4.27 10.23 8.71
N LEU A 660 3.41 11.07 9.26
CA LEU A 660 2.68 10.76 10.44
C LEU A 660 1.27 10.33 10.13
N THR A 661 1.00 10.03 8.85
CA THR A 661 -0.35 9.81 8.44
C THR A 661 -1.05 8.80 9.36
N ASP A 662 -0.45 7.64 9.53
CA ASP A 662 -1.12 6.62 10.33
C ASP A 662 -0.68 6.69 11.77
N LEU A 663 0.60 6.92 12.07
CA LEU A 663 1.04 7.04 13.48
C LEU A 663 0.39 8.12 14.33
N GLU A 664 -0.16 9.14 13.72
CA GLU A 664 -0.83 10.19 14.46
C GLU A 664 -2.28 10.20 13.99
N ASP A 665 -2.61 9.32 13.05
CA ASP A 665 -3.98 9.21 12.58
C ASP A 665 -4.47 10.61 12.13
N ASN A 666 -3.66 11.32 11.37
CA ASN A 666 -4.01 12.54 10.63
C ASN A 666 -5.37 12.66 10.06
N GLN A 667 -5.85 11.57 9.45
CA GLN A 667 -6.99 11.69 8.55
C GLN A 667 -8.20 11.14 9.24
N GLY A 668 -8.02 10.71 10.50
CA GLY A 668 -9.11 10.20 11.33
C GLY A 668 -9.51 8.76 11.15
N ASN A 669 -9.02 8.09 10.11
CA ASN A 669 -9.46 6.75 9.77
C ASN A 669 -8.34 5.72 9.50
N THR A 670 -7.26 5.81 10.23
CA THR A 670 -6.29 4.74 10.18
C THR A 670 -6.87 3.34 10.44
N HIS A 671 -7.94 3.27 11.21
CA HIS A 671 -8.47 1.96 11.60
C HIS A 671 -8.85 1.13 10.38
N LEU A 672 -9.19 1.79 9.24
CA LEU A 672 -9.57 1.08 7.98
C LEU A 672 -8.44 0.45 7.22
N GLY A 673 -7.21 0.58 7.68
CA GLY A 673 -6.02 0.17 6.91
C GLY A 673 -4.98 1.28 6.71
N ILE A 674 -3.77 0.81 6.50
CA ILE A 674 -2.63 1.65 6.19
C ILE A 674 -2.89 2.50 4.96
N HIS A 675 -2.47 3.77 5.01
CA HIS A 675 -2.61 4.68 3.89
C HIS A 675 -1.38 4.50 2.98
N ALA A 676 -1.50 3.61 2.01
CA ALA A 676 -0.36 3.13 1.31
C ALA A 676 0.28 4.14 0.34
N ALA A 677 -0.51 4.92 -0.36
CA ALA A 677 0.06 6.00 -1.18
C ALA A 677 0.92 6.92 -0.32
N SER A 678 0.42 7.23 0.86
CA SER A 678 1.04 8.18 1.73
C SER A 678 2.42 7.67 2.10
N LEU A 679 2.56 6.36 2.26
CA LEU A 679 3.88 5.78 2.50
C LEU A 679 4.88 6.09 1.39
N GLY A 680 4.42 5.99 0.15
CA GLY A 680 5.28 6.20 -1.01
C GLY A 680 5.54 7.67 -1.26
N GLY A 681 4.55 8.52 -0.93
CA GLY A 681 4.69 9.97 -0.96
C GLY A 681 5.83 10.36 -0.02
N THR A 682 5.76 9.84 1.20
CA THR A 682 6.74 10.09 2.19
C THR A 682 8.10 9.79 1.64
N TRP A 683 8.25 8.66 1.00
CA TRP A 683 9.56 8.28 0.43
C TRP A 683 9.90 9.25 -0.71
N GLN A 684 8.96 9.50 -1.61
CA GLN A 684 9.23 10.42 -2.72
C GLN A 684 9.75 11.79 -2.23
N ALA A 685 9.04 12.42 -1.32
CA ALA A 685 9.49 13.66 -0.65
C ALA A 685 10.93 13.62 -0.15
N LEU A 686 11.33 12.55 0.52
CA LEU A 686 12.71 12.43 0.97
C LEU A 686 13.71 12.46 -0.13
N VAL A 687 13.45 11.66 -1.13
CA VAL A 687 14.48 11.34 -2.08
C VAL A 687 14.45 12.30 -3.20
N PHE A 688 13.28 12.61 -3.71
CA PHE A 688 13.15 13.50 -4.86
C PHE A 688 12.89 14.93 -4.43
N GLY A 689 12.61 15.14 -3.16
CA GLY A 689 12.42 16.51 -2.61
C GLY A 689 13.69 16.90 -1.87
N PHE A 690 13.71 16.63 -0.58
CA PHE A 690 14.82 17.00 0.22
C PHE A 690 16.14 16.47 -0.29
N GLY A 691 16.14 15.26 -0.83
CA GLY A 691 17.38 14.66 -1.33
C GLY A 691 17.78 15.21 -2.69
N GLY A 692 16.87 15.97 -3.30
CA GLY A 692 17.18 16.73 -4.50
C GLY A 692 17.48 15.93 -5.74
N ILE A 693 16.99 14.69 -5.78
CA ILE A 693 17.10 13.85 -6.96
C ILE A 693 16.06 14.23 -7.97
N SER A 694 16.42 14.10 -9.23
CA SER A 694 15.63 14.61 -10.32
C SER A 694 16.23 13.99 -11.56
N ILE A 695 15.59 14.13 -12.70
CA ILE A 695 16.09 13.52 -13.91
C ILE A 695 16.19 14.55 -15.01
N GLU A 696 17.40 14.86 -15.46
CA GLU A 696 17.58 15.76 -16.60
C GLU A 696 17.25 15.07 -17.91
N LYS A 697 16.89 15.89 -18.90
CA LYS A 697 16.22 15.40 -20.11
C LYS A 697 16.84 14.14 -20.67
N ASP A 698 18.17 14.12 -20.83
CA ASP A 698 18.81 13.00 -21.51
C ASP A 698 19.18 11.87 -20.54
N ASP A 699 18.32 11.68 -19.52
CA ASP A 699 18.44 10.62 -18.50
C ASP A 699 19.85 10.61 -17.86
N VAL A 700 20.08 11.75 -17.20
CA VAL A 700 21.18 11.95 -16.32
C VAL A 700 20.53 12.14 -14.96
N LEU A 701 21.06 11.43 -13.98
CA LEU A 701 20.55 11.59 -12.65
C LEU A 701 21.13 12.83 -12.03
N SER A 702 20.31 13.81 -11.67
CA SER A 702 20.87 14.91 -10.90
C SER A 702 20.56 14.85 -9.39
N VAL A 703 21.46 15.39 -8.61
CA VAL A 703 21.32 15.59 -7.18
C VAL A 703 21.45 17.06 -6.86
N ASN A 704 20.69 17.50 -5.90
CA ASN A 704 20.56 18.88 -5.71
C ASN A 704 19.75 19.11 -4.43
N PRO A 705 20.31 18.64 -3.29
CA PRO A 705 19.61 18.50 -2.04
C PRO A 705 19.17 19.78 -1.50
N TRP A 706 18.52 19.70 -0.35
CA TRP A 706 18.03 20.85 0.38
C TRP A 706 17.40 20.36 1.68
N LEU A 707 18.28 19.89 2.54
CA LEU A 707 17.89 19.54 3.87
C LEU A 707 17.11 20.65 4.52
N PRO A 708 16.11 20.28 5.33
CA PRO A 708 15.58 21.31 6.20
C PRO A 708 16.66 21.60 7.20
N GLU A 709 16.76 22.85 7.64
CA GLU A 709 17.69 23.19 8.71
C GLU A 709 17.06 22.35 9.81
N LYS A 710 17.86 21.71 10.65
CA LYS A 710 17.35 20.76 11.69
C LYS A 710 17.88 19.35 11.49
N TRP A 711 18.21 19.02 10.24
CA TRP A 711 18.66 17.70 9.90
C TRP A 711 20.13 17.80 9.50
N GLU A 712 21.00 17.23 10.31
CA GLU A 712 22.42 17.25 10.02
C GLU A 712 22.74 16.44 8.77
N SER A 713 22.01 15.35 8.50
CA SER A 713 22.32 14.47 7.35
C SER A 713 21.16 13.55 6.94
N LEU A 714 21.31 12.92 5.76
CA LEU A 714 20.27 12.12 5.13
C LEU A 714 20.91 11.08 4.26
N LYS A 715 21.13 9.81 4.66
CA LYS A 715 21.49 8.77 3.63
C LYS A 715 20.32 7.88 3.15
N PHE A 716 20.28 7.66 1.86
CA PHE A 716 19.43 6.71 1.22
C PHE A 716 20.17 6.09 0.05
N SER A 717 19.76 4.88 -0.32
CA SER A 717 20.23 4.24 -1.52
C SER A 717 19.14 4.15 -2.57
N ILE A 718 19.56 3.96 -3.82
CA ILE A 718 18.65 3.75 -4.93
C ILE A 718 19.36 3.03 -6.06
N TRP A 719 18.58 2.48 -6.99
CA TRP A 719 19.07 1.69 -8.13
C TRP A 719 18.79 2.55 -9.32
N TRP A 720 19.84 2.77 -10.11
CA TRP A 720 19.78 3.61 -11.31
C TRP A 720 20.53 2.92 -12.42
N LYS A 721 19.80 2.73 -13.51
CA LYS A 721 20.19 1.84 -14.59
C LYS A 721 21.04 0.63 -14.15
N GLY A 722 20.67 -0.06 -13.10
CA GLY A 722 21.39 -1.30 -12.77
C GLY A 722 22.48 -1.12 -11.75
N ASN A 723 22.68 0.15 -11.36
CA ASN A 723 23.70 0.52 -10.40
C ASN A 723 23.09 0.83 -9.07
N LEU A 724 23.62 0.22 -8.03
CA LEU A 724 23.09 0.51 -6.72
C LEU A 724 23.96 1.60 -6.08
N LEU A 725 23.35 2.76 -5.81
CA LEU A 725 24.01 4.00 -5.38
C LEU A 725 23.65 4.39 -3.96
N ASP A 726 24.64 4.52 -3.11
CA ASP A 726 24.40 5.11 -1.78
C ASP A 726 24.73 6.57 -1.78
N PHE A 727 23.76 7.44 -1.56
CA PHE A 727 24.00 8.84 -1.26
C PHE A 727 23.99 9.18 0.24
N LYS A 728 25.03 9.84 0.73
CA LYS A 728 24.95 10.59 2.02
C LYS A 728 24.99 12.12 1.82
N ILE A 729 23.97 12.81 2.29
CA ILE A 729 23.72 14.24 1.99
C ILE A 729 23.98 15.01 3.25
N THR A 730 25.00 15.87 3.30
CA THR A 730 25.17 16.78 4.46
C THR A 730 24.80 18.16 4.00
N LYS A 731 24.70 19.09 4.96
CA LYS A 731 24.38 20.49 4.65
C LYS A 731 25.38 21.12 3.68
N ASP A 732 26.58 20.56 3.65
CA ASP A 732 27.65 21.09 2.86
C ASP A 732 27.67 20.45 1.49
N ASN A 733 28.13 19.20 1.43
CA ASN A 733 28.28 18.46 0.18
C ASN A 733 27.44 17.13 0.11
N VAL A 734 27.84 16.22 -0.80
CA VAL A 734 27.14 14.97 -1.07
C VAL A 734 28.11 13.80 -1.34
N GLU A 735 28.12 12.71 -0.55
CA GLU A 735 28.96 11.55 -0.90
C GLU A 735 28.12 10.60 -1.74
N VAL A 736 28.83 9.70 -2.44
CA VAL A 736 28.22 8.81 -3.42
C VAL A 736 29.08 7.58 -3.48
N LYS A 737 28.48 6.40 -3.44
CA LYS A 737 29.27 5.17 -3.45
C LYS A 737 28.47 4.17 -4.26
N LYS A 738 29.00 3.77 -5.42
CA LYS A 738 28.46 2.67 -6.22
C LYS A 738 28.74 1.35 -5.57
N ARG A 739 27.73 0.75 -4.93
CA ARG A 739 27.89 -0.54 -4.28
C ARG A 739 27.70 -1.65 -5.33
N VAL A 740 26.99 -1.36 -6.43
CA VAL A 740 26.93 -2.32 -7.55
C VAL A 740 27.01 -1.63 -8.92
N GLU A 741 27.87 -2.17 -9.80
CA GLU A 741 28.21 -1.58 -11.10
C GLU A 741 27.48 -2.21 -12.27
N LYS A 742 27.11 -1.41 -13.27
CA LYS A 742 26.62 -1.90 -14.56
C LYS A 742 26.79 -0.71 -15.52
N GLY A 743 27.85 -0.71 -16.30
CA GLY A 743 28.22 0.47 -17.12
C GLY A 743 28.61 1.75 -16.33
N ASN A 744 29.10 2.74 -17.05
CA ASN A 744 29.35 4.03 -16.39
C ASN A 744 28.06 4.82 -16.42
N VAL A 745 27.70 5.45 -15.31
CA VAL A 745 26.53 6.29 -15.33
C VAL A 745 26.71 7.76 -14.96
N LYS A 746 26.02 8.60 -15.72
CA LYS A 746 26.12 10.01 -15.54
C LYS A 746 25.30 10.51 -14.38
N LEU A 747 26.00 11.21 -13.52
CA LEU A 747 25.45 11.84 -12.37
C LEU A 747 25.79 13.33 -12.41
N LYS A 748 25.02 14.21 -11.83
CA LYS A 748 25.29 15.61 -12.01
C LYS A 748 25.02 16.37 -10.75
N ILE A 749 26.08 16.75 -10.06
CA ILE A 749 25.95 17.24 -8.68
C ILE A 749 25.72 18.77 -8.59
N LYS A 750 25.86 19.33 -7.40
CA LYS A 750 24.99 20.43 -6.97
C LYS A 750 24.68 21.42 -8.10
N GLY A 751 25.42 22.53 -8.26
CA GLY A 751 26.52 23.01 -7.38
C GLY A 751 27.79 22.20 -7.43
C2 BGC B . -11.73 8.13 -3.32
C3 BGC B . -12.18 7.80 -4.74
C4 BGC B . -13.14 6.63 -4.72
C5 BGC B . -14.30 6.91 -3.74
C6 BGC B . -15.14 5.65 -3.56
C1 BGC B . -13.02 8.56 -2.66
O1 BGC B . -12.78 9.18 -1.39
O2 BGC B . -10.72 9.14 -3.45
O3 BGC B . -11.07 7.48 -5.56
O4 BGC B . -13.65 6.39 -6.01
O5 BGC B . -13.79 7.37 -2.48
O6 BGC B . -14.37 4.44 -3.38
C1 GLC B . -9.56 9.10 -2.58
C2 GLC B . -8.56 10.05 -3.21
C3 GLC B . -8.11 9.43 -4.52
C4 GLC B . -7.38 8.12 -4.12
C5 GLC B . -8.37 7.20 -3.42
C6 GLC B . -7.75 5.90 -2.89
O2 GLC B . -9.22 11.28 -3.41
O3 GLC B . -7.37 10.39 -5.31
O4 GLC B . -6.77 7.37 -5.17
O5 GLC B . -8.88 7.89 -2.31
O6 GLC B . -6.47 6.15 -2.30
S SO4 C . -8.16 8.88 2.46
O1 SO4 C . -6.87 8.87 3.17
O2 SO4 C . -8.05 9.09 0.92
O3 SO4 C . -8.86 7.61 2.83
O4 SO4 C . -8.85 9.97 3.23
#